data_4B6J
#
_entry.id   4B6J
#
_cell.length_a   89.281
_cell.length_b   89.281
_cell.length_c   228.793
_cell.angle_alpha   90.00
_cell.angle_beta   90.00
_cell.angle_gamma   90.00
#
_symmetry.space_group_name_H-M   'P 41 21 2'
#
_entity_poly.entity_id   1
_entity_poly.type   'polypeptide(L)'
_entity_poly.pdbx_seq_one_letter_code
;GAMDPQFMKKVAVIDIEGTLTDFEFWREMARITGKREIEELLEKGLSGEVEWLDSLLKRVGLIRGIDEGTFLRTREKVNV
SPEARELVETLREKGFKVVLISGSFEEVLEPFKELGDEFMANRAIFEDGKFQGIRLRFRDKGEFLKRFRDGFILAMGDGY
ADAKMFERADMGIAVGREIPGADLLVKDLKELVDFIKNLKP
;
_entity_poly.pdbx_strand_id   A,B,C,D
#
# COMPACT_ATOMS: atom_id res chain seq x y z
N GLY A 1 13.30 -10.17 -13.64
CA GLY A 1 12.91 -8.92 -13.03
C GLY A 1 12.82 -7.79 -14.03
N ALA A 2 11.96 -7.96 -15.04
CA ALA A 2 11.77 -6.93 -16.06
C ALA A 2 11.13 -5.67 -15.47
N MET A 3 10.58 -5.80 -14.26
CA MET A 3 9.97 -4.66 -13.58
C MET A 3 9.96 -4.79 -12.07
N ASP A 4 10.32 -3.70 -11.40
CA ASP A 4 10.10 -3.56 -9.97
C ASP A 4 9.09 -2.44 -9.78
N PRO A 5 7.84 -2.79 -9.46
CA PRO A 5 6.83 -1.76 -9.24
C PRO A 5 7.02 -1.18 -7.85
N GLN A 6 8.05 -0.35 -7.72
CA GLN A 6 8.46 0.16 -6.43
C GLN A 6 7.37 1.02 -5.80
N PHE A 7 6.62 1.73 -6.64
CA PHE A 7 5.64 2.69 -6.15
C PHE A 7 4.45 2.02 -5.46
N MET A 8 4.24 0.73 -5.73
CA MET A 8 3.14 0.00 -5.13
C MET A 8 3.53 -0.64 -3.80
N LYS A 9 4.82 -0.67 -3.49
CA LYS A 9 5.31 -1.26 -2.24
C LYS A 9 4.94 -0.46 -1.01
N LYS A 10 4.74 -1.16 0.10
CA LYS A 10 4.55 -0.52 1.41
C LYS A 10 5.85 0.17 1.80
N VAL A 11 5.75 1.20 2.63
CA VAL A 11 6.92 2.05 2.91
C VAL A 11 7.46 1.87 4.33
N ALA A 12 8.76 1.59 4.43
CA ALA A 12 9.44 1.53 5.71
C ALA A 12 10.22 2.82 5.91
N VAL A 13 9.78 3.63 6.86
CA VAL A 13 10.39 4.92 7.14
C VAL A 13 11.23 4.82 8.42
N ILE A 14 12.50 5.17 8.32
CA ILE A 14 13.40 5.12 9.47
C ILE A 14 13.90 6.52 9.82
N ASP A 15 13.62 6.94 11.05
CA ASP A 15 14.20 8.16 11.59
C ASP A 15 15.62 7.81 12.00
N ILE A 16 16.60 8.39 11.32
CA ILE A 16 18.00 7.99 11.44
C ILE A 16 18.56 8.14 12.86
N GLU A 17 18.32 9.29 13.48
CA GLU A 17 18.90 9.59 14.78
C GLU A 17 18.39 8.68 15.90
N GLY A 18 19.31 7.88 16.45
CA GLY A 18 19.00 7.02 17.58
C GLY A 18 18.49 5.66 17.15
N THR A 19 18.56 5.39 15.85
CA THR A 19 18.12 4.11 15.31
C THR A 19 19.23 3.46 14.48
N LEU A 20 19.86 4.27 13.63
CA LEU A 20 20.96 3.80 12.80
C LEU A 20 22.31 4.34 13.26
N THR A 21 22.28 5.34 14.14
CA THR A 21 23.52 5.98 14.60
C THR A 21 23.38 6.65 15.96
N ASP A 22 24.47 6.66 16.71
CA ASP A 22 24.54 7.29 18.03
C ASP A 22 24.86 8.76 17.89
N PHE A 23 25.12 9.18 16.66
CA PHE A 23 25.56 10.54 16.40
C PHE A 23 24.46 11.55 16.66
N GLU A 24 24.78 12.56 17.48
CA GLU A 24 23.84 13.62 17.78
C GLU A 24 24.55 14.95 17.49
N PHE A 25 24.29 15.48 16.30
CA PHE A 25 25.00 16.63 15.77
C PHE A 25 25.03 17.83 16.71
N TRP A 26 23.93 18.06 17.42
CA TRP A 26 23.83 19.24 18.29
C TRP A 26 24.69 19.12 19.54
N ARG A 27 24.80 17.90 20.06
CA ARG A 27 25.68 17.64 21.20
C ARG A 27 27.11 17.83 20.75
N GLU A 28 27.39 17.40 19.54
CA GLU A 28 28.71 17.53 18.95
C GLU A 28 29.10 19.01 18.78
N MET A 29 28.20 19.81 18.22
CA MET A 29 28.42 21.25 18.14
C MET A 29 28.56 21.89 19.52
N ALA A 30 27.76 21.43 20.47
CA ALA A 30 27.87 21.92 21.85
C ALA A 30 29.26 21.70 22.44
N ARG A 31 29.83 20.53 22.14
CA ARG A 31 31.17 20.19 22.59
C ARG A 31 32.22 21.05 21.86
N ILE A 32 32.10 21.09 20.52
CA ILE A 32 33.01 21.86 19.67
C ILE A 32 33.10 23.34 20.04
N THR A 33 31.95 23.93 20.35
CA THR A 33 31.84 25.36 20.58
C THR A 33 31.86 25.78 22.04
N GLY A 34 31.79 24.80 22.94
CA GLY A 34 31.76 25.06 24.36
C GLY A 34 30.49 25.76 24.83
N LYS A 35 29.56 26.00 23.91
CA LYS A 35 28.26 26.55 24.27
C LYS A 35 27.39 25.40 24.75
N ARG A 36 27.20 25.27 26.06
CA ARG A 36 26.43 24.16 26.60
C ARG A 36 24.94 24.49 26.50
N GLU A 37 24.65 25.75 26.22
CA GLU A 37 23.28 26.18 26.01
C GLU A 37 22.65 25.43 24.84
N ILE A 38 23.49 24.97 23.91
CA ILE A 38 23.05 24.20 22.77
C ILE A 38 22.48 22.85 23.20
N GLU A 39 23.24 22.12 24.00
CA GLU A 39 22.83 20.81 24.47
C GLU A 39 21.69 20.92 25.47
N GLU A 40 21.67 22.04 26.20
CA GLU A 40 20.58 22.34 27.14
C GLU A 40 19.28 22.55 26.38
N LEU A 41 19.38 23.28 25.28
CA LEU A 41 18.24 23.57 24.42
C LEU A 41 17.74 22.30 23.75
N LEU A 42 18.68 21.46 23.34
CA LEU A 42 18.36 20.14 22.81
C LEU A 42 17.55 19.33 23.82
N GLU A 43 18.10 19.19 25.03
CA GLU A 43 17.41 18.48 26.11
C GLU A 43 16.00 19.03 26.35
N LYS A 44 15.88 20.36 26.38
CA LYS A 44 14.58 20.99 26.55
C LYS A 44 13.62 20.68 25.41
N GLY A 45 14.15 20.63 24.19
CA GLY A 45 13.34 20.39 23.00
C GLY A 45 12.82 18.97 22.94
N LEU A 46 13.67 18.01 23.31
CA LEU A 46 13.29 16.62 23.34
C LEU A 46 12.26 16.34 24.43
N SER A 47 12.47 16.94 25.60
CA SER A 47 11.57 16.76 26.73
C SER A 47 10.24 17.50 26.56
N GLY A 48 10.14 18.28 25.48
CA GLY A 48 8.93 19.04 25.21
C GLY A 48 8.67 20.18 26.18
N GLU A 49 9.70 20.60 26.91
CA GLU A 49 9.57 21.75 27.81
C GLU A 49 9.32 23.03 27.02
N VAL A 50 10.07 23.18 25.92
CA VAL A 50 9.87 24.31 25.02
C VAL A 50 9.58 23.76 23.64
N GLU A 51 8.92 24.57 22.81
CA GLU A 51 8.56 24.13 21.47
C GLU A 51 9.78 23.79 20.62
N TRP A 52 9.71 22.64 19.97
CA TRP A 52 10.79 22.12 19.14
C TRP A 52 11.44 23.17 18.23
N LEU A 53 10.63 23.87 17.45
CA LEU A 53 11.15 24.86 16.50
C LEU A 53 11.88 26.01 17.19
N ASP A 54 11.40 26.42 18.36
CA ASP A 54 12.01 27.50 19.11
C ASP A 54 13.43 27.10 19.50
N SER A 55 13.55 25.92 20.11
CA SER A 55 14.84 25.36 20.47
C SER A 55 15.76 25.21 19.26
N LEU A 56 15.23 24.65 18.17
CA LEU A 56 16.01 24.43 16.97
C LEU A 56 16.59 25.72 16.39
N LEU A 57 15.75 26.72 16.23
CA LEU A 57 16.19 27.99 15.68
C LEU A 57 17.15 28.71 16.62
N LYS A 58 16.93 28.56 17.93
CA LYS A 58 17.86 29.09 18.92
C LYS A 58 19.26 28.47 18.77
N ARG A 59 19.30 27.14 18.65
CA ARG A 59 20.54 26.40 18.43
C ARG A 59 21.22 26.81 17.13
N VAL A 60 20.44 26.93 16.05
CA VAL A 60 20.97 27.34 14.76
C VAL A 60 21.63 28.70 14.89
N GLY A 61 20.94 29.63 15.56
CA GLY A 61 21.48 30.95 15.80
C GLY A 61 22.72 30.92 16.67
N LEU A 62 22.81 29.90 17.52
CA LEU A 62 23.94 29.77 18.44
C LEU A 62 25.23 29.38 17.73
N ILE A 63 25.13 28.50 16.74
CA ILE A 63 26.30 28.03 16.00
C ILE A 63 26.60 28.86 14.75
N ARG A 64 25.91 29.98 14.61
CA ARG A 64 26.04 30.84 13.43
C ARG A 64 27.46 31.37 13.28
N GLY A 65 27.95 31.41 12.04
CA GLY A 65 29.29 31.91 11.79
C GLY A 65 30.35 30.82 11.77
N ILE A 66 30.00 29.65 12.29
CA ILE A 66 30.92 28.52 12.34
C ILE A 66 31.47 28.20 10.95
N ASP A 67 32.68 27.65 10.91
CA ASP A 67 33.34 27.38 9.64
C ASP A 67 32.65 26.25 8.90
N GLU A 68 32.56 26.37 7.58
CA GLU A 68 31.96 25.34 6.75
C GLU A 68 32.65 24.01 6.95
N GLY A 69 33.97 24.00 6.79
CA GLY A 69 34.74 22.78 6.96
C GLY A 69 34.59 22.19 8.35
N THR A 70 34.72 23.04 9.38
CA THR A 70 34.57 22.63 10.78
C THR A 70 33.21 21.97 10.99
N PHE A 71 32.20 22.57 10.38
CA PHE A 71 30.84 22.05 10.38
C PHE A 71 30.81 20.65 9.78
N LEU A 72 31.30 20.52 8.55
CA LEU A 72 31.30 19.24 7.84
C LEU A 72 32.17 18.14 8.45
N ARG A 73 33.17 18.48 9.26
CA ARG A 73 34.00 17.45 9.89
C ARG A 73 33.17 16.47 10.71
N THR A 74 32.04 16.96 11.21
CA THR A 74 31.16 16.14 12.03
C THR A 74 30.69 14.90 11.24
N ARG A 75 30.78 14.98 9.91
CA ARG A 75 30.52 13.84 9.03
C ARG A 75 31.43 12.65 9.32
N GLU A 76 32.67 12.94 9.72
CA GLU A 76 33.66 11.89 9.94
C GLU A 76 33.31 11.05 11.16
N LYS A 77 32.46 11.58 12.02
CA LYS A 77 31.96 10.86 13.19
C LYS A 77 30.73 10.04 12.84
N VAL A 78 30.30 10.12 11.58
CA VAL A 78 29.13 9.39 11.12
C VAL A 78 29.53 8.16 10.31
N ASN A 79 28.96 7.02 10.67
CA ASN A 79 29.31 5.75 10.05
C ASN A 79 28.09 4.88 9.83
N VAL A 80 27.98 4.33 8.63
CA VAL A 80 26.95 3.36 8.31
C VAL A 80 27.40 2.00 8.81
N SER A 81 27.01 1.67 10.04
CA SER A 81 27.37 0.39 10.64
C SER A 81 26.84 -0.76 9.80
N PRO A 82 27.45 -1.95 9.93
CA PRO A 82 26.98 -3.04 9.07
C PRO A 82 25.63 -3.54 9.55
N GLU A 83 25.31 -3.31 10.82
CA GLU A 83 24.00 -3.63 11.36
C GLU A 83 22.90 -2.79 10.71
N ALA A 84 23.17 -1.50 10.51
CA ALA A 84 22.22 -0.60 9.86
C ALA A 84 21.96 -1.02 8.42
N ARG A 85 23.06 -1.20 7.67
CA ARG A 85 22.99 -1.68 6.29
C ARG A 85 22.19 -2.99 6.22
N GLU A 86 22.44 -3.87 7.20
CA GLU A 86 21.71 -5.13 7.29
C GLU A 86 20.22 -4.88 7.48
N LEU A 87 19.87 -3.95 8.37
CA LEU A 87 18.48 -3.56 8.59
C LEU A 87 17.81 -3.15 7.29
N VAL A 88 18.39 -2.18 6.60
CA VAL A 88 17.86 -1.70 5.33
C VAL A 88 17.70 -2.82 4.28
N GLU A 89 18.78 -3.58 4.07
CA GLU A 89 18.77 -4.65 3.07
C GLU A 89 17.73 -5.72 3.40
N THR A 90 17.55 -6.00 4.68
CA THR A 90 16.53 -6.95 5.14
C THR A 90 15.13 -6.41 4.85
N LEU A 91 14.90 -5.14 5.19
CA LEU A 91 13.65 -4.48 4.85
C LEU A 91 13.33 -4.63 3.37
N ARG A 92 14.35 -4.44 2.54
CA ARG A 92 14.19 -4.59 1.10
C ARG A 92 13.80 -6.02 0.74
N GLU A 93 14.48 -6.98 1.37
CA GLU A 93 14.16 -8.39 1.19
C GLU A 93 12.76 -8.77 1.69
N LYS A 94 12.31 -8.05 2.71
CA LYS A 94 11.02 -8.31 3.33
C LYS A 94 9.99 -7.39 2.65
N GLY A 95 10.27 -6.98 1.41
CA GLY A 95 9.28 -6.32 0.58
C GLY A 95 8.99 -4.84 0.75
N PHE A 96 9.76 -4.16 1.58
CA PHE A 96 9.53 -2.74 1.84
C PHE A 96 10.28 -1.82 0.88
N LYS A 97 9.86 -0.56 0.86
CA LYS A 97 10.61 0.52 0.21
C LYS A 97 11.15 1.43 1.31
N VAL A 98 12.46 1.59 1.37
CA VAL A 98 13.08 2.25 2.51
C VAL A 98 13.28 3.76 2.33
N VAL A 99 12.76 4.52 3.28
CA VAL A 99 12.90 5.98 3.29
C VAL A 99 13.57 6.43 4.58
N LEU A 100 14.72 7.07 4.47
CA LEU A 100 15.45 7.55 5.64
C LEU A 100 15.21 9.03 5.85
N ILE A 101 14.84 9.42 7.08
CA ILE A 101 14.63 10.84 7.37
C ILE A 101 15.32 11.29 8.66
N SER A 102 15.64 12.58 8.71
CA SER A 102 16.24 13.17 9.91
C SER A 102 15.96 14.66 9.97
N GLY A 103 16.02 15.22 11.17
CA GLY A 103 15.89 16.65 11.37
C GLY A 103 17.21 17.36 11.13
N SER A 104 18.29 16.59 11.18
CA SER A 104 19.63 17.12 11.01
C SER A 104 19.97 17.29 9.53
N PHE A 105 21.21 17.66 9.24
CA PHE A 105 21.62 18.04 7.89
C PHE A 105 22.04 16.90 6.96
N GLU A 106 21.67 17.01 5.68
CA GLU A 106 22.06 16.04 4.67
C GLU A 106 23.57 16.00 4.54
N GLU A 107 24.19 17.16 4.76
CA GLU A 107 25.62 17.32 4.58
C GLU A 107 26.40 16.51 5.60
N VAL A 108 25.85 16.38 6.79
CA VAL A 108 26.44 15.55 7.83
C VAL A 108 26.10 14.09 7.59
N LEU A 109 24.85 13.83 7.19
CA LEU A 109 24.34 12.48 7.05
C LEU A 109 24.54 11.89 5.66
N GLU A 110 25.55 12.39 4.95
CA GLU A 110 25.85 11.95 3.59
C GLU A 110 26.07 10.44 3.39
N PRO A 111 26.75 9.75 4.34
CA PRO A 111 26.89 8.30 4.16
C PRO A 111 25.56 7.56 4.01
N PHE A 112 24.50 8.07 4.65
CA PHE A 112 23.19 7.45 4.58
C PHE A 112 22.42 7.86 3.32
N LYS A 113 22.93 8.83 2.59
CA LYS A 113 22.20 9.45 1.48
C LYS A 113 21.78 8.44 0.40
N GLU A 114 22.62 7.44 0.16
CA GLU A 114 22.37 6.48 -0.90
C GLU A 114 22.01 5.09 -0.34
N LEU A 115 21.88 5.00 0.98
CA LEU A 115 21.53 3.74 1.63
C LEU A 115 20.10 3.29 1.31
N GLY A 116 19.13 4.14 1.63
CA GLY A 116 17.74 3.81 1.37
C GLY A 116 17.31 4.16 -0.06
N ASP A 117 16.04 3.94 -0.37
CA ASP A 117 15.50 4.27 -1.69
C ASP A 117 15.13 5.74 -1.80
N GLU A 118 14.81 6.37 -0.68
CA GLU A 118 14.52 7.79 -0.63
C GLU A 118 15.14 8.38 0.63
N PHE A 119 15.64 9.61 0.52
CA PHE A 119 16.32 10.24 1.64
C PHE A 119 15.91 11.70 1.81
N MET A 120 15.50 12.07 3.03
CA MET A 120 15.18 13.45 3.30
C MET A 120 15.66 13.92 4.67
N ALA A 121 16.37 15.04 4.68
CA ALA A 121 16.73 15.73 5.90
C ALA A 121 16.75 17.21 5.58
N ASN A 122 16.94 18.05 6.59
CA ASN A 122 17.03 19.49 6.38
C ASN A 122 18.41 19.84 5.83
N ARG A 123 18.62 21.09 5.40
CA ARG A 123 19.94 21.44 4.88
C ARG A 123 20.57 22.66 5.52
N ALA A 124 21.79 22.97 5.10
CA ALA A 124 22.54 24.07 5.69
C ALA A 124 22.79 25.18 4.69
N ILE A 125 22.79 26.42 5.18
CA ILE A 125 23.10 27.58 4.36
C ILE A 125 24.54 28.00 4.63
N PHE A 126 25.33 28.10 3.56
CA PHE A 126 26.73 28.51 3.65
C PHE A 126 27.06 29.65 2.67
N GLU A 127 27.16 30.87 3.21
CA GLU A 127 27.61 32.06 2.44
C GLU A 127 28.99 32.48 2.86
N ASP A 128 29.90 32.69 1.91
CA ASP A 128 31.31 32.99 2.23
C ASP A 128 31.99 31.98 3.18
N GLY A 129 31.75 30.70 2.92
CA GLY A 129 32.42 29.65 3.66
C GLY A 129 31.97 29.52 5.11
N LYS A 130 31.01 30.35 5.51
CA LYS A 130 30.53 30.32 6.89
C LYS A 130 29.05 29.95 7.01
N PHE A 131 28.72 29.21 8.06
CA PHE A 131 27.33 28.77 8.31
C PHE A 131 26.44 29.96 8.66
N GLN A 132 25.36 30.13 7.91
CA GLN A 132 24.45 31.24 8.13
C GLN A 132 23.15 30.84 8.83
N GLY A 133 22.57 29.73 8.39
CA GLY A 133 21.31 29.28 8.93
C GLY A 133 20.87 27.94 8.35
N ILE A 134 19.60 27.61 8.54
CA ILE A 134 19.10 26.29 8.16
C ILE A 134 18.00 26.36 7.09
N ARG A 135 18.08 25.48 6.11
CA ARG A 135 16.98 25.30 5.16
C ARG A 135 16.06 24.22 5.71
N LEU A 136 14.87 24.63 6.15
CA LEU A 136 13.85 23.72 6.65
C LEU A 136 13.07 23.11 5.50
N ARG A 137 13.38 21.85 5.22
CA ARG A 137 12.83 21.17 4.06
C ARG A 137 11.50 20.44 4.30
N PHE A 138 11.20 20.14 5.56
CA PHE A 138 9.86 19.65 5.93
C PHE A 138 9.41 20.23 7.26
N ARG A 139 8.10 20.29 7.46
CA ARG A 139 7.53 20.92 8.65
C ARG A 139 7.87 20.09 9.89
N ASP A 140 7.57 18.81 9.81
CA ASP A 140 7.98 17.82 10.80
C ASP A 140 7.84 16.45 10.16
N LYS A 141 8.15 15.40 10.91
CA LYS A 141 8.20 14.07 10.34
C LYS A 141 6.82 13.51 10.03
N GLY A 142 5.84 13.84 10.87
CA GLY A 142 4.45 13.52 10.61
C GLY A 142 3.95 14.11 9.30
N GLU A 143 4.18 15.41 9.13
CA GLU A 143 3.81 16.10 7.89
C GLU A 143 4.52 15.49 6.69
N PHE A 144 5.80 15.18 6.86
CA PHE A 144 6.58 14.53 5.81
C PHE A 144 5.96 13.22 5.37
N LEU A 145 5.49 12.44 6.34
CA LEU A 145 4.90 11.13 6.06
C LEU A 145 3.64 11.18 5.19
N LYS A 146 3.10 12.38 4.99
CA LYS A 146 1.92 12.54 4.14
C LYS A 146 2.24 12.24 2.68
N ARG A 147 3.53 12.13 2.34
CA ARG A 147 3.96 11.84 0.99
C ARG A 147 3.58 10.43 0.56
N PHE A 148 3.24 9.61 1.56
CA PHE A 148 2.92 8.23 1.32
C PHE A 148 1.54 7.92 1.93
N ARG A 149 0.66 8.93 1.94
CA ARG A 149 -0.68 8.80 2.52
C ARG A 149 -1.52 7.83 1.68
N ASP A 150 -1.02 7.53 0.49
CA ASP A 150 -1.74 6.69 -0.48
C ASP A 150 -1.39 5.21 -0.32
N GLY A 151 -0.53 4.91 0.65
CA GLY A 151 -0.13 3.54 0.90
C GLY A 151 0.03 3.25 2.38
N PHE A 152 0.72 2.17 2.71
CA PHE A 152 0.93 1.79 4.10
C PHE A 152 2.34 2.16 4.57
N ILE A 153 2.49 2.28 5.88
CA ILE A 153 3.74 2.77 6.45
C ILE A 153 4.12 2.02 7.73
N LEU A 154 5.32 1.44 7.72
CA LEU A 154 5.96 0.95 8.93
C LEU A 154 6.99 2.00 9.32
N ALA A 155 6.86 2.55 10.52
CA ALA A 155 7.78 3.60 10.97
C ALA A 155 8.63 3.15 12.15
N MET A 156 9.94 3.34 12.03
CA MET A 156 10.88 3.06 13.09
C MET A 156 11.59 4.34 13.50
N GLY A 157 11.61 4.64 14.80
CA GLY A 157 12.20 5.87 15.28
C GLY A 157 12.69 5.79 16.70
N ASP A 158 13.43 6.82 17.11
CA ASP A 158 14.01 6.86 18.46
C ASP A 158 13.57 8.21 19.03
N GLY A 159 14.34 8.76 19.97
CA GLY A 159 13.93 9.95 20.70
C GLY A 159 13.83 11.28 19.99
N TYR A 160 14.16 11.28 18.69
CA TYR A 160 14.02 12.46 17.87
C TYR A 160 12.73 12.35 17.06
N ALA A 161 12.07 11.21 17.21
CA ALA A 161 10.74 11.02 16.62
C ALA A 161 9.71 11.35 17.68
N ASP A 162 8.45 11.39 17.30
CA ASP A 162 7.38 11.71 18.26
C ASP A 162 6.05 11.12 17.85
N ALA A 163 5.01 11.45 18.63
CA ALA A 163 3.69 10.89 18.43
C ALA A 163 3.13 11.20 17.04
N LYS A 164 3.31 12.45 16.60
CA LYS A 164 2.78 12.87 15.31
C LYS A 164 3.32 12.00 14.16
N MET A 165 4.60 11.64 14.22
CA MET A 165 5.20 10.80 13.18
C MET A 165 4.61 9.39 13.21
N PHE A 166 4.29 8.89 14.40
CA PHE A 166 3.82 7.51 14.55
C PHE A 166 2.31 7.38 14.36
N GLU A 167 1.58 8.48 14.56
CA GLU A 167 0.14 8.52 14.36
C GLU A 167 -0.19 8.43 12.89
N ARG A 168 0.85 8.53 12.07
CA ARG A 168 0.75 8.41 10.63
C ARG A 168 1.04 6.98 10.20
N ALA A 169 1.84 6.27 10.99
CA ALA A 169 2.24 4.91 10.67
C ALA A 169 1.13 3.92 10.98
N ASP A 170 1.06 2.86 10.18
CA ASP A 170 0.12 1.77 10.41
C ASP A 170 0.70 0.87 11.48
N MET A 171 2.02 0.71 11.43
CA MET A 171 2.76 0.00 12.45
C MET A 171 3.93 0.85 12.89
N GLY A 172 4.01 1.13 14.19
CA GLY A 172 5.06 1.95 14.74
C GLY A 172 5.96 1.17 15.67
N ILE A 173 7.26 1.38 15.54
CA ILE A 173 8.24 0.74 16.40
C ILE A 173 9.19 1.77 16.99
N ALA A 174 9.27 1.81 18.32
CA ALA A 174 10.20 2.70 18.99
C ALA A 174 11.49 1.95 19.29
N VAL A 175 12.61 2.66 19.28
CA VAL A 175 13.90 2.04 19.58
C VAL A 175 14.48 2.65 20.85
N GLY A 176 14.99 1.80 21.73
CA GLY A 176 15.56 2.22 23.00
C GLY A 176 14.65 2.67 24.14
N ARG A 177 13.78 3.63 23.89
CA ARG A 177 12.89 4.14 24.93
C ARG A 177 11.53 4.43 24.28
N GLU A 178 10.47 4.11 25.00
CA GLU A 178 9.10 4.11 24.46
C GLU A 178 8.56 5.50 24.09
N ILE A 179 7.78 5.52 23.01
CA ILE A 179 7.17 6.75 22.50
C ILE A 179 5.68 6.58 22.26
N PRO A 180 4.88 7.53 22.77
CA PRO A 180 3.43 7.52 22.56
C PRO A 180 3.11 7.48 21.08
N GLY A 181 2.34 6.48 20.67
CA GLY A 181 1.97 6.32 19.27
C GLY A 181 2.60 5.07 18.68
N ALA A 182 3.82 4.75 19.12
CA ALA A 182 4.49 3.55 18.67
C ALA A 182 3.75 2.33 19.17
N ASP A 183 3.72 1.27 18.36
CA ASP A 183 3.05 0.03 18.74
C ASP A 183 3.98 -0.91 19.49
N LEU A 184 5.26 -0.92 19.11
CA LEU A 184 6.21 -1.85 19.72
C LEU A 184 7.38 -1.10 20.31
N LEU A 185 8.13 -1.78 21.18
CA LEU A 185 9.36 -1.22 21.70
C LEU A 185 10.45 -2.27 21.63
N VAL A 186 11.54 -1.94 20.94
CA VAL A 186 12.74 -2.74 20.96
C VAL A 186 13.82 -1.99 21.73
N LYS A 187 14.91 -2.67 22.10
CA LYS A 187 15.91 -2.07 22.98
C LYS A 187 17.08 -1.46 22.21
N ASP A 188 17.28 -1.93 20.98
CA ASP A 188 18.42 -1.49 20.19
C ASP A 188 18.29 -1.93 18.73
N LEU A 189 19.21 -1.42 17.90
CA LEU A 189 19.20 -1.70 16.47
C LEU A 189 19.26 -3.20 16.19
N LYS A 190 20.04 -3.94 16.99
CA LYS A 190 20.11 -5.38 16.84
C LYS A 190 18.75 -6.03 16.99
N GLU A 191 18.11 -5.80 18.12
CA GLU A 191 16.79 -6.35 18.43
C GLU A 191 15.80 -6.03 17.32
N LEU A 192 15.89 -4.81 16.80
CA LEU A 192 15.04 -4.35 15.70
C LEU A 192 15.28 -5.15 14.42
N VAL A 193 16.54 -5.37 14.08
CA VAL A 193 16.88 -6.17 12.91
C VAL A 193 16.41 -7.61 13.08
N ASP A 194 16.56 -8.14 14.30
CA ASP A 194 16.08 -9.48 14.61
C ASP A 194 14.59 -9.55 14.38
N PHE A 195 13.87 -8.49 14.77
CA PHE A 195 12.44 -8.39 14.53
C PHE A 195 12.10 -8.40 13.05
N ILE A 196 12.76 -7.52 12.28
CA ILE A 196 12.50 -7.38 10.85
C ILE A 196 12.75 -8.69 10.09
N LYS A 197 13.70 -9.47 10.57
CA LYS A 197 14.05 -10.75 9.92
C LYS A 197 13.05 -11.87 10.22
N ASN A 198 12.06 -11.58 11.04
CA ASN A 198 11.03 -12.54 11.40
C ASN A 198 9.76 -12.21 10.62
N LEU A 199 9.93 -11.73 9.40
CA LEU A 199 8.81 -11.21 8.63
C LEU A 199 8.61 -12.02 7.34
N LYS A 200 7.37 -12.11 6.88
CA LYS A 200 6.98 -12.84 5.67
C LYS A 200 7.14 -14.34 5.87
N GLY B 1 -38.29 -13.92 -4.90
CA GLY B 1 -36.96 -13.57 -4.48
C GLY B 1 -35.91 -13.70 -5.58
N ALA B 2 -36.14 -12.97 -6.68
CA ALA B 2 -35.18 -12.94 -7.79
C ALA B 2 -33.90 -12.23 -7.40
N MET B 3 -33.93 -11.54 -6.26
CA MET B 3 -32.78 -10.80 -5.76
C MET B 3 -32.76 -10.65 -4.25
N ASP B 4 -31.59 -10.87 -3.65
CA ASP B 4 -31.32 -10.42 -2.31
C ASP B 4 -30.22 -9.37 -2.48
N PRO B 5 -30.58 -8.09 -2.35
CA PRO B 5 -29.57 -7.03 -2.48
C PRO B 5 -28.77 -6.93 -1.20
N GLN B 6 -27.85 -7.88 -1.02
CA GLN B 6 -27.10 -7.98 0.23
C GLN B 6 -26.25 -6.74 0.44
N PHE B 7 -25.73 -6.19 -0.65
CA PHE B 7 -24.77 -5.10 -0.58
C PHE B 7 -25.37 -3.79 -0.06
N MET B 8 -26.70 -3.68 -0.12
CA MET B 8 -27.40 -2.49 0.37
C MET B 8 -27.83 -2.65 1.82
N LYS B 9 -27.74 -3.86 2.36
CA LYS B 9 -28.12 -4.15 3.73
C LYS B 9 -27.19 -3.51 4.76
N LYS B 10 -27.75 -3.09 5.89
CA LYS B 10 -26.96 -2.63 7.02
C LYS B 10 -26.18 -3.82 7.57
N VAL B 11 -25.05 -3.55 8.21
CA VAL B 11 -24.13 -4.61 8.60
C VAL B 11 -24.07 -4.84 10.12
N ALA B 12 -24.27 -6.09 10.54
CA ALA B 12 -24.09 -6.45 11.93
C ALA B 12 -22.75 -7.14 12.11
N VAL B 13 -21.83 -6.48 12.79
CA VAL B 13 -20.49 -7.00 13.01
C VAL B 13 -20.39 -7.55 14.43
N ILE B 14 -20.02 -8.82 14.52
CA ILE B 14 -19.88 -9.49 15.81
C ILE B 14 -18.42 -9.90 16.03
N ASP B 15 -17.83 -9.39 17.10
CA ASP B 15 -16.54 -9.86 17.54
C ASP B 15 -16.79 -11.18 18.25
N ILE B 16 -16.27 -12.26 17.67
CA ILE B 16 -16.60 -13.61 18.13
C ILE B 16 -16.20 -13.86 19.58
N GLU B 17 -14.98 -13.43 19.94
CA GLU B 17 -14.45 -13.72 21.27
C GLU B 17 -15.22 -13.04 22.41
N GLY B 18 -15.85 -13.86 23.24
CA GLY B 18 -16.52 -13.39 24.44
C GLY B 18 -17.97 -12.98 24.21
N THR B 19 -18.46 -13.28 23.02
CA THR B 19 -19.84 -12.97 22.65
C THR B 19 -20.53 -14.23 22.13
N LEU B 20 -19.81 -15.01 21.32
CA LEU B 20 -20.33 -16.26 20.79
C LEU B 20 -19.68 -17.47 21.45
N THR B 21 -18.58 -17.23 22.16
CA THR B 21 -17.87 -18.33 22.83
C THR B 21 -16.97 -17.84 23.97
N ASP B 22 -16.82 -18.69 24.99
CA ASP B 22 -15.97 -18.37 26.12
C ASP B 22 -14.52 -18.78 25.86
N PHE B 23 -14.27 -19.42 24.71
CA PHE B 23 -12.94 -19.92 24.43
C PHE B 23 -11.93 -18.81 24.20
N GLU B 24 -10.80 -18.92 24.89
CA GLU B 24 -9.72 -17.96 24.78
C GLU B 24 -8.44 -18.69 24.43
N PHE B 25 -8.11 -18.66 23.14
CA PHE B 25 -7.01 -19.42 22.55
C PHE B 25 -5.68 -19.26 23.27
N TRP B 26 -5.37 -18.05 23.68
CA TRP B 26 -4.07 -17.74 24.28
C TRP B 26 -3.95 -18.28 25.70
N ARG B 27 -5.05 -18.31 26.43
CA ARG B 27 -5.10 -18.91 27.76
C ARG B 27 -4.92 -20.42 27.65
N GLU B 28 -5.55 -21.00 26.63
CA GLU B 28 -5.42 -22.43 26.34
C GLU B 28 -3.97 -22.76 26.01
N MET B 29 -3.36 -21.95 25.16
CA MET B 29 -1.93 -22.09 24.87
C MET B 29 -1.05 -21.95 26.12
N ALA B 30 -1.38 -20.98 26.96
CA ALA B 30 -0.68 -20.80 28.23
C ALA B 30 -0.77 -22.05 29.11
N ARG B 31 -1.93 -22.70 29.09
CA ARG B 31 -2.14 -23.93 29.85
C ARG B 31 -1.32 -25.08 29.26
N ILE B 32 -1.48 -25.29 27.95
CA ILE B 32 -0.81 -26.36 27.20
C ILE B 32 0.70 -26.32 27.30
N THR B 33 1.28 -25.12 27.22
CA THR B 33 2.72 -24.97 27.15
C THR B 33 3.29 -24.70 28.54
N GLY B 34 2.40 -24.50 29.51
CA GLY B 34 2.80 -24.20 30.88
C GLY B 34 3.48 -22.86 31.06
N LYS B 35 3.59 -22.10 29.97
CA LYS B 35 4.14 -20.75 30.02
C LYS B 35 3.10 -19.74 30.44
N ARG B 36 3.25 -19.24 31.67
CA ARG B 36 2.29 -18.32 32.23
C ARG B 36 2.60 -16.90 31.75
N GLU B 37 3.78 -16.73 31.16
CA GLU B 37 4.16 -15.45 30.56
C GLU B 37 3.21 -15.07 29.42
N ILE B 38 2.64 -16.08 28.75
CA ILE B 38 1.70 -15.89 27.66
C ILE B 38 0.41 -15.25 28.17
N GLU B 39 -0.17 -15.85 29.20
CA GLU B 39 -1.43 -15.38 29.76
C GLU B 39 -1.21 -14.06 30.48
N GLU B 40 -0.01 -13.87 31.03
CA GLU B 40 0.37 -12.63 31.69
C GLU B 40 0.39 -11.52 30.64
N LEU B 41 0.93 -11.83 29.47
CA LEU B 41 0.99 -10.89 28.36
C LEU B 41 -0.39 -10.57 27.81
N LEU B 42 -1.26 -11.58 27.76
CA LEU B 42 -2.66 -11.37 27.41
C LEU B 42 -3.31 -10.35 28.35
N GLU B 43 -3.22 -10.64 29.65
CA GLU B 43 -3.76 -9.77 30.69
C GLU B 43 -3.24 -8.34 30.53
N LYS B 44 -1.94 -8.22 30.29
CA LYS B 44 -1.32 -6.92 30.09
C LYS B 44 -1.88 -6.20 28.86
N GLY B 45 -2.15 -6.97 27.81
CA GLY B 45 -2.65 -6.41 26.56
C GLY B 45 -4.08 -5.91 26.66
N LEU B 46 -4.92 -6.69 27.34
CA LEU B 46 -6.32 -6.31 27.55
C LEU B 46 -6.43 -5.11 28.48
N SER B 47 -5.63 -5.12 29.54
CA SER B 47 -5.63 -4.05 30.53
C SER B 47 -4.98 -2.76 30.02
N GLY B 48 -4.47 -2.82 28.80
CA GLY B 48 -3.81 -1.67 28.20
C GLY B 48 -2.49 -1.32 28.87
N GLU B 49 -1.95 -2.26 29.63
CA GLU B 49 -0.66 -2.08 30.29
C GLU B 49 0.45 -1.96 29.23
N VAL B 50 0.37 -2.82 28.21
CA VAL B 50 1.30 -2.74 27.09
C VAL B 50 0.50 -2.60 25.81
N GLU B 51 1.13 -2.07 24.77
CA GLU B 51 0.45 -1.91 23.49
C GLU B 51 0.03 -3.28 22.95
N TRP B 52 -1.22 -3.37 22.52
CA TRP B 52 -1.79 -4.63 22.04
C TRP B 52 -0.91 -5.48 21.12
N LEU B 53 -0.42 -4.87 20.04
CA LEU B 53 0.37 -5.59 19.05
C LEU B 53 1.65 -6.17 19.64
N ASP B 54 2.27 -5.44 20.56
CA ASP B 54 3.49 -5.89 21.20
C ASP B 54 3.24 -7.20 21.95
N SER B 55 2.22 -7.20 22.80
CA SER B 55 1.83 -8.38 23.55
C SER B 55 1.50 -9.54 22.61
N LEU B 56 0.73 -9.24 21.55
CA LEU B 56 0.33 -10.26 20.59
C LEU B 56 1.54 -10.94 19.95
N LEU B 57 2.47 -10.14 19.41
CA LEU B 57 3.66 -10.67 18.76
C LEU B 57 4.60 -11.41 19.72
N LYS B 58 4.71 -10.91 20.95
CA LYS B 58 5.48 -11.61 21.98
C LYS B 58 4.89 -13.00 22.27
N ARG B 59 3.56 -13.06 22.43
CA ARG B 59 2.87 -14.32 22.62
C ARG B 59 3.04 -15.25 21.43
N VAL B 60 2.92 -14.70 20.23
CA VAL B 60 3.09 -15.45 19.00
C VAL B 60 4.48 -16.07 18.97
N GLY B 61 5.48 -15.28 19.32
CA GLY B 61 6.85 -15.77 19.41
C GLY B 61 7.03 -16.82 20.49
N LEU B 62 6.21 -16.75 21.53
CA LEU B 62 6.31 -17.68 22.65
C LEU B 62 5.84 -19.09 22.31
N ILE B 63 4.77 -19.19 21.51
CA ILE B 63 4.21 -20.49 21.14
C ILE B 63 4.84 -21.02 19.87
N ARG B 64 5.90 -20.35 19.43
CA ARG B 64 6.58 -20.70 18.20
C ARG B 64 7.19 -22.09 18.32
N GLY B 65 7.08 -22.88 17.26
CA GLY B 65 7.58 -24.24 17.28
C GLY B 65 6.52 -25.27 17.64
N ILE B 66 5.37 -24.81 18.15
CA ILE B 66 4.28 -25.70 18.52
C ILE B 66 3.84 -26.55 17.32
N ASP B 67 3.35 -27.76 17.59
CA ASP B 67 2.97 -28.68 16.53
C ASP B 67 1.70 -28.22 15.83
N GLU B 68 1.63 -28.43 14.52
CA GLU B 68 0.45 -28.09 13.72
C GLU B 68 -0.80 -28.81 14.26
N GLY B 69 -0.70 -30.12 14.45
CA GLY B 69 -1.80 -30.92 14.95
C GLY B 69 -2.31 -30.47 16.29
N THR B 70 -1.39 -30.24 17.24
CA THR B 70 -1.74 -29.72 18.56
C THR B 70 -2.48 -28.40 18.45
N PHE B 71 -2.00 -27.55 17.54
CA PHE B 71 -2.62 -26.26 17.28
C PHE B 71 -4.06 -26.40 16.83
N LEU B 72 -4.28 -27.12 15.72
CA LEU B 72 -5.62 -27.29 15.17
C LEU B 72 -6.54 -28.07 16.11
N ARG B 73 -5.93 -28.83 17.00
CA ARG B 73 -6.67 -29.62 18.00
C ARG B 73 -7.60 -28.74 18.85
N THR B 74 -7.19 -27.50 19.09
CA THR B 74 -7.98 -26.57 19.91
C THR B 74 -9.34 -26.22 19.28
N ARG B 75 -9.49 -26.49 17.99
CA ARG B 75 -10.77 -26.30 17.29
C ARG B 75 -11.90 -27.07 17.96
N GLU B 76 -11.59 -28.22 18.55
CA GLU B 76 -12.60 -29.05 19.19
C GLU B 76 -13.15 -28.38 20.45
N LYS B 77 -12.43 -27.41 20.98
CA LYS B 77 -12.93 -26.67 22.14
C LYS B 77 -13.77 -25.47 21.73
N VAL B 78 -13.89 -25.28 20.41
CA VAL B 78 -14.71 -24.20 19.88
C VAL B 78 -16.00 -24.79 19.33
N ASN B 79 -17.13 -24.23 19.76
CA ASN B 79 -18.45 -24.75 19.39
C ASN B 79 -19.49 -23.69 19.13
N VAL B 80 -20.26 -23.91 18.06
CA VAL B 80 -21.36 -23.03 17.67
C VAL B 80 -22.57 -23.37 18.55
N SER B 81 -22.71 -22.68 19.68
CA SER B 81 -23.84 -22.91 20.58
C SER B 81 -25.15 -22.61 19.86
N PRO B 82 -26.27 -23.16 20.34
CA PRO B 82 -27.50 -22.90 19.59
C PRO B 82 -27.97 -21.46 19.79
N GLU B 83 -27.55 -20.86 20.90
CA GLU B 83 -27.80 -19.45 21.16
C GLU B 83 -27.10 -18.56 20.13
N ALA B 84 -25.87 -18.91 19.78
CA ALA B 84 -25.09 -18.16 18.81
C ALA B 84 -25.75 -18.21 17.43
N ARG B 85 -26.05 -19.43 17.00
CA ARG B 85 -26.75 -19.67 15.74
C ARG B 85 -28.06 -18.89 15.70
N GLU B 86 -28.77 -18.89 16.83
CA GLU B 86 -30.01 -18.15 16.94
C GLU B 86 -29.76 -16.66 16.72
N LEU B 87 -28.73 -16.13 17.37
CA LEU B 87 -28.35 -14.72 17.20
C LEU B 87 -28.13 -14.37 15.73
N VAL B 88 -27.24 -15.11 15.07
CA VAL B 88 -26.94 -14.85 13.66
C VAL B 88 -28.19 -14.90 12.78
N GLU B 89 -28.96 -15.98 12.91
CA GLU B 89 -30.15 -16.19 12.09
C GLU B 89 -31.20 -15.08 12.33
N THR B 90 -31.32 -14.67 13.59
CA THR B 90 -32.23 -13.60 13.98
C THR B 90 -31.81 -12.28 13.34
N LEU B 91 -30.51 -11.96 13.43
CA LEU B 91 -29.96 -10.79 12.76
C LEU B 91 -30.32 -10.77 11.29
N ARG B 92 -30.19 -11.93 10.63
CA ARG B 92 -30.58 -12.01 9.22
C ARG B 92 -32.07 -11.74 9.04
N GLU B 93 -32.88 -12.32 9.92
CA GLU B 93 -34.32 -12.03 9.94
C GLU B 93 -34.57 -10.54 10.13
N LYS B 94 -33.90 -9.94 11.10
CA LYS B 94 -34.07 -8.53 11.41
C LYS B 94 -33.34 -7.62 10.41
N GLY B 95 -33.10 -8.14 9.20
CA GLY B 95 -32.63 -7.32 8.09
C GLY B 95 -31.15 -7.02 7.93
N PHE B 96 -30.32 -7.65 8.74
CA PHE B 96 -28.88 -7.38 8.71
C PHE B 96 -28.10 -8.29 7.78
N LYS B 97 -26.87 -7.88 7.50
CA LYS B 97 -25.87 -8.72 6.86
C LYS B 97 -24.84 -9.02 7.93
N VAL B 98 -24.65 -10.30 8.25
CA VAL B 98 -23.83 -10.66 9.41
C VAL B 98 -22.36 -10.87 9.05
N VAL B 99 -21.49 -10.17 9.75
CA VAL B 99 -20.04 -10.25 9.58
C VAL B 99 -19.39 -10.63 10.91
N LEU B 100 -18.69 -11.76 10.92
CA LEU B 100 -17.99 -12.22 12.12
C LEU B 100 -16.51 -11.92 12.03
N ILE B 101 -15.94 -11.34 13.08
CA ILE B 101 -14.51 -11.03 13.12
C ILE B 101 -13.83 -11.52 14.40
N SER B 102 -12.53 -11.77 14.31
CA SER B 102 -11.74 -12.14 15.48
C SER B 102 -10.26 -11.81 15.31
N GLY B 103 -9.57 -11.64 16.43
CA GLY B 103 -8.14 -11.44 16.42
C GLY B 103 -7.41 -12.76 16.33
N SER B 104 -8.12 -13.84 16.67
CA SER B 104 -7.55 -15.18 16.67
C SER B 104 -7.52 -15.78 15.27
N PHE B 105 -7.15 -17.06 15.21
CA PHE B 105 -6.93 -17.73 13.93
C PHE B 105 -8.19 -18.35 13.31
N GLU B 106 -8.29 -18.26 11.98
CA GLU B 106 -9.39 -18.87 11.23
C GLU B 106 -9.37 -20.39 11.41
N GLU B 107 -8.18 -20.94 11.57
CA GLU B 107 -8.00 -22.38 11.67
C GLU B 107 -8.60 -22.91 12.97
N VAL B 108 -8.54 -22.10 14.02
CA VAL B 108 -9.16 -22.46 15.29
C VAL B 108 -10.65 -22.16 15.26
N LEU B 109 -11.02 -21.03 14.67
CA LEU B 109 -12.40 -20.57 14.66
C LEU B 109 -13.17 -21.01 13.40
N GLU B 110 -12.72 -22.12 12.81
CA GLU B 110 -13.34 -22.67 11.61
C GLU B 110 -14.85 -22.96 11.66
N PRO B 111 -15.38 -23.44 12.81
CA PRO B 111 -16.84 -23.67 12.84
C PRO B 111 -17.69 -22.44 12.49
N PHE B 112 -17.18 -21.25 12.80
CA PHE B 112 -17.92 -20.02 12.56
C PHE B 112 -17.71 -19.51 11.12
N LYS B 113 -16.78 -20.14 10.40
CA LYS B 113 -16.34 -19.63 9.10
C LYS B 113 -17.48 -19.48 8.10
N GLU B 114 -18.46 -20.37 8.19
CA GLU B 114 -19.56 -20.35 7.24
C GLU B 114 -20.87 -19.94 7.91
N LEU B 115 -20.81 -19.60 9.19
CA LEU B 115 -22.00 -19.22 9.95
C LEU B 115 -22.59 -17.89 9.46
N GLY B 116 -21.79 -16.84 9.49
CA GLY B 116 -22.25 -15.52 9.05
C GLY B 116 -22.11 -15.36 7.55
N ASP B 117 -22.43 -14.17 7.06
CA ASP B 117 -22.34 -13.89 5.63
C ASP B 117 -20.91 -13.53 5.21
N GLU B 118 -20.15 -12.99 6.16
CA GLU B 118 -18.73 -12.71 5.95
C GLU B 118 -17.94 -13.06 7.21
N PHE B 119 -16.72 -13.53 7.02
CA PHE B 119 -15.89 -13.97 8.12
C PHE B 119 -14.45 -13.50 7.93
N MET B 120 -13.89 -12.85 8.95
CA MET B 120 -12.48 -12.48 8.90
C MET B 120 -11.79 -12.67 10.24
N ALA B 121 -10.67 -13.38 10.22
CA ALA B 121 -9.80 -13.48 11.37
C ALA B 121 -8.37 -13.54 10.84
N ASN B 122 -7.39 -13.52 11.74
CA ASN B 122 -6.00 -13.61 11.33
C ASN B 122 -5.66 -15.06 11.03
N ARG B 123 -4.49 -15.33 10.48
CA ARG B 123 -4.15 -16.71 10.18
C ARG B 123 -2.80 -17.17 10.74
N ALA B 124 -2.49 -18.44 10.55
CA ALA B 124 -1.27 -19.00 11.08
C ALA B 124 -0.35 -19.44 9.95
N ILE B 125 0.95 -19.28 10.16
CA ILE B 125 1.94 -19.74 9.21
C ILE B 125 2.50 -21.05 9.74
N PHE B 126 2.50 -22.08 8.90
CA PHE B 126 3.00 -23.40 9.29
C PHE B 126 4.08 -23.87 8.33
N GLU B 127 5.32 -23.89 8.82
CA GLU B 127 6.42 -24.44 8.05
C GLU B 127 6.82 -25.79 8.65
N ASP B 128 6.88 -26.81 7.78
CA ASP B 128 7.22 -28.18 8.18
C ASP B 128 6.43 -28.69 9.39
N GLY B 129 5.12 -28.47 9.38
CA GLY B 129 4.27 -29.00 10.44
C GLY B 129 4.39 -28.29 11.78
N LYS B 130 5.22 -27.26 11.83
CA LYS B 130 5.39 -26.49 13.05
C LYS B 130 4.99 -25.03 12.84
N PHE B 131 4.38 -24.45 13.88
CA PHE B 131 3.91 -23.07 13.87
C PHE B 131 5.06 -22.08 13.81
N GLN B 132 5.02 -21.17 12.84
CA GLN B 132 6.10 -20.21 12.69
C GLN B 132 5.74 -18.79 13.12
N GLY B 133 4.53 -18.36 12.76
CA GLY B 133 4.09 -17.00 13.08
C GLY B 133 2.66 -16.74 12.64
N ILE B 134 2.30 -15.46 12.61
CA ILE B 134 0.92 -15.07 12.34
C ILE B 134 0.80 -14.23 11.09
N ARG B 135 -0.24 -14.50 10.31
CA ARG B 135 -0.62 -13.63 9.20
C ARG B 135 -1.59 -12.60 9.75
N LEU B 136 -1.14 -11.36 9.86
CA LEU B 136 -2.01 -10.27 10.30
C LEU B 136 -2.78 -9.77 9.09
N ARG B 137 -4.05 -10.16 9.02
CA ARG B 137 -4.84 -9.89 7.83
C ARG B 137 -5.50 -8.52 7.89
N PHE B 138 -5.65 -8.00 9.11
CA PHE B 138 -6.09 -6.63 9.33
C PHE B 138 -5.32 -6.00 10.49
N ARG B 139 -5.25 -4.68 10.48
CA ARG B 139 -4.48 -3.91 11.48
C ARG B 139 -5.13 -3.99 12.86
N ASP B 140 -6.43 -3.70 12.89
CA ASP B 140 -7.27 -3.88 14.07
C ASP B 140 -8.73 -3.85 13.61
N LYS B 141 -9.66 -4.00 14.55
CA LYS B 141 -11.06 -4.19 14.19
C LYS B 141 -11.72 -2.91 13.69
N GLY B 142 -11.35 -1.78 14.28
CA GLY B 142 -11.80 -0.48 13.80
C GLY B 142 -11.39 -0.24 12.36
N GLU B 143 -10.10 -0.41 12.08
CA GLU B 143 -9.58 -0.24 10.72
C GLU B 143 -10.25 -1.19 9.75
N PHE B 144 -10.44 -2.43 10.18
CA PHE B 144 -11.15 -3.42 9.38
C PHE B 144 -12.54 -2.94 9.01
N LEU B 145 -13.22 -2.33 9.97
CA LEU B 145 -14.59 -1.84 9.78
C LEU B 145 -14.71 -0.78 8.69
N LYS B 146 -13.57 -0.27 8.20
CA LYS B 146 -13.56 0.71 7.12
C LYS B 146 -14.05 0.10 5.81
N ARG B 147 -14.22 -1.23 5.78
CA ARG B 147 -14.73 -1.92 4.61
C ARG B 147 -16.20 -1.57 4.38
N PHE B 148 -16.83 -1.05 5.41
CA PHE B 148 -18.25 -0.75 5.38
C PHE B 148 -18.45 0.72 5.70
N ARG B 149 -17.50 1.53 5.27
CA ARG B 149 -17.53 2.97 5.47
C ARG B 149 -18.70 3.57 4.70
N ASP B 150 -19.23 2.78 3.77
CA ASP B 150 -20.28 3.21 2.87
C ASP B 150 -21.69 2.86 3.36
N GLY B 151 -21.78 2.24 4.54
CA GLY B 151 -23.08 1.87 5.09
C GLY B 151 -23.17 2.06 6.59
N PHE B 152 -24.16 1.42 7.20
CA PHE B 152 -24.34 1.52 8.65
C PHE B 152 -23.89 0.24 9.33
N ILE B 153 -23.56 0.33 10.62
CA ILE B 153 -22.99 -0.81 11.35
C ILE B 153 -23.52 -0.91 12.77
N LEU B 154 -24.08 -2.07 13.10
CA LEU B 154 -24.39 -2.42 14.48
C LEU B 154 -23.28 -3.35 14.95
N ALA B 155 -22.56 -2.96 15.99
CA ALA B 155 -21.42 -3.76 16.46
C ALA B 155 -21.67 -4.38 17.83
N MET B 156 -21.43 -5.67 17.93
CA MET B 156 -21.53 -6.38 19.20
C MET B 156 -20.16 -6.97 19.55
N GLY B 157 -19.69 -6.71 20.78
CA GLY B 157 -18.37 -7.17 21.18
C GLY B 157 -18.20 -7.38 22.67
N ASP B 158 -17.07 -7.98 23.05
CA ASP B 158 -16.77 -8.33 24.44
C ASP B 158 -15.40 -7.74 24.74
N GLY B 159 -14.69 -8.32 25.71
CA GLY B 159 -13.42 -7.79 26.19
C GLY B 159 -12.23 -7.83 25.28
N TYR B 160 -12.43 -8.38 24.08
CA TYR B 160 -11.38 -8.41 23.08
C TYR B 160 -11.59 -7.31 22.05
N ALA B 161 -12.70 -6.58 22.20
CA ALA B 161 -12.98 -5.38 21.41
C ALA B 161 -12.57 -4.14 22.19
N ASP B 162 -12.63 -2.99 21.53
CA ASP B 162 -12.24 -1.73 22.16
C ASP B 162 -12.97 -0.51 21.58
N ALA B 163 -12.61 0.66 22.07
CA ALA B 163 -13.28 1.90 21.69
C ALA B 163 -13.21 2.15 20.19
N LYS B 164 -12.03 1.92 19.61
CA LYS B 164 -11.81 2.17 18.19
C LYS B 164 -12.79 1.41 17.30
N MET B 165 -13.10 0.17 17.67
CA MET B 165 -14.05 -0.66 16.92
C MET B 165 -15.45 -0.06 17.00
N PHE B 166 -15.78 0.53 18.14
CA PHE B 166 -17.13 1.03 18.37
C PHE B 166 -17.32 2.44 17.83
N GLU B 167 -16.22 3.18 17.71
CA GLU B 167 -16.28 4.53 17.18
C GLU B 167 -16.59 4.51 15.69
N ARG B 168 -16.59 3.32 15.11
CA ARG B 168 -16.92 3.11 13.72
C ARG B 168 -18.38 2.73 13.58
N ALA B 169 -18.92 2.08 14.62
CA ALA B 169 -20.30 1.62 14.59
C ALA B 169 -21.28 2.75 14.85
N ASP B 170 -22.46 2.64 14.23
CA ASP B 170 -23.53 3.60 14.47
C ASP B 170 -24.24 3.26 15.77
N MET B 171 -24.41 1.97 16.01
CA MET B 171 -24.93 1.51 17.28
C MET B 171 -23.96 0.46 17.80
N GLY B 172 -23.45 0.68 19.01
CA GLY B 172 -22.50 -0.25 19.60
C GLY B 172 -23.05 -0.92 20.83
N ILE B 173 -22.84 -2.23 20.93
CA ILE B 173 -23.30 -3.00 22.09
C ILE B 173 -22.17 -3.84 22.66
N ALA B 174 -21.87 -3.65 23.94
CA ALA B 174 -20.86 -4.44 24.63
C ALA B 174 -21.54 -5.59 25.37
N VAL B 175 -20.85 -6.72 25.48
CA VAL B 175 -21.38 -7.89 26.18
C VAL B 175 -20.52 -8.21 27.41
N GLY B 176 -21.17 -8.52 28.53
CA GLY B 176 -20.44 -8.85 29.74
C GLY B 176 -19.72 -7.76 30.51
N ARG B 177 -18.85 -7.02 29.82
CA ARG B 177 -18.06 -5.99 30.48
C ARG B 177 -18.08 -4.74 29.61
N GLU B 178 -18.13 -3.59 30.27
CA GLU B 178 -18.36 -2.30 29.62
C GLU B 178 -17.22 -1.86 28.70
N ILE B 179 -17.58 -1.24 27.59
CA ILE B 179 -16.60 -0.72 26.65
C ILE B 179 -16.91 0.72 26.24
N PRO B 180 -15.90 1.60 26.34
CA PRO B 180 -16.04 2.99 25.89
C PRO B 180 -16.43 3.03 24.42
N GLY B 181 -17.53 3.71 24.09
CA GLY B 181 -17.95 3.79 22.71
C GLY B 181 -19.24 3.02 22.49
N ALA B 182 -19.40 1.93 23.22
CA ALA B 182 -20.61 1.12 23.13
C ALA B 182 -21.79 1.93 23.64
N ASP B 183 -22.94 1.75 23.02
CA ASP B 183 -24.15 2.46 23.41
C ASP B 183 -24.90 1.71 24.51
N LEU B 184 -24.90 0.38 24.41
CA LEU B 184 -25.63 -0.43 25.35
C LEU B 184 -24.73 -1.46 26.01
N LEU B 185 -25.23 -2.04 27.10
CA LEU B 185 -24.54 -3.14 27.75
C LEU B 185 -25.55 -4.23 28.03
N VAL B 186 -25.29 -5.42 27.51
CA VAL B 186 -26.06 -6.60 27.89
C VAL B 186 -25.14 -7.44 28.77
N LYS B 187 -25.71 -8.42 29.48
CA LYS B 187 -24.93 -9.14 30.48
C LYS B 187 -24.34 -10.43 29.92
N ASP B 188 -24.96 -10.93 28.86
CA ASP B 188 -24.56 -12.21 28.28
C ASP B 188 -25.20 -12.42 26.92
N LEU B 189 -24.82 -13.49 26.23
CA LEU B 189 -25.35 -13.79 24.91
C LEU B 189 -26.88 -13.88 24.93
N LYS B 190 -27.42 -14.42 26.02
CA LYS B 190 -28.87 -14.50 26.17
C LYS B 190 -29.53 -13.14 26.05
N GLU B 191 -29.12 -12.23 26.94
CA GLU B 191 -29.66 -10.87 26.98
C GLU B 191 -29.52 -10.19 25.61
N LEU B 192 -28.39 -10.44 24.95
CA LEU B 192 -28.13 -9.89 23.62
C LEU B 192 -29.12 -10.41 22.57
N VAL B 193 -29.37 -11.71 22.54
CA VAL B 193 -30.34 -12.29 21.61
C VAL B 193 -31.76 -11.78 21.92
N ASP B 194 -32.06 -11.65 23.20
CA ASP B 194 -33.35 -11.11 23.63
C ASP B 194 -33.52 -9.68 23.12
N PHE B 195 -32.45 -8.90 23.19
CA PHE B 195 -32.46 -7.55 22.63
C PHE B 195 -32.67 -7.55 21.12
N ILE B 196 -31.87 -8.36 20.42
CA ILE B 196 -31.92 -8.43 18.97
C ILE B 196 -33.30 -8.87 18.45
N LYS B 197 -33.96 -9.76 19.18
CA LYS B 197 -35.28 -10.22 18.77
C LYS B 197 -36.36 -9.19 19.12
N ASN B 198 -35.94 -8.08 19.72
CA ASN B 198 -36.86 -7.00 20.04
C ASN B 198 -36.67 -5.91 19.00
N LEU B 199 -36.40 -6.31 17.76
CA LEU B 199 -36.06 -5.36 16.70
C LEU B 199 -37.02 -5.34 15.51
N LYS B 200 -37.21 -4.15 14.94
CA LYS B 200 -38.03 -3.95 13.75
C LYS B 200 -39.50 -4.24 14.00
N GLY C 1 9.95 -16.38 10.70
CA GLY C 1 8.78 -15.73 10.14
C GLY C 1 7.66 -15.56 11.14
N ALA C 2 7.94 -14.85 12.23
CA ALA C 2 6.95 -14.63 13.29
C ALA C 2 5.75 -13.79 12.88
N MET C 3 5.84 -13.10 11.74
CA MET C 3 4.72 -12.28 11.25
C MET C 3 4.67 -12.06 9.73
N ASP C 4 3.47 -12.22 9.18
CA ASP C 4 3.19 -11.80 7.82
C ASP C 4 2.19 -10.65 7.85
N PRO C 5 2.67 -9.43 7.57
CA PRO C 5 1.80 -8.26 7.58
C PRO C 5 0.97 -8.18 6.29
N GLN C 6 -0.05 -9.04 6.19
CA GLN C 6 -0.84 -9.19 4.98
C GLN C 6 -1.58 -7.89 4.67
N PHE C 7 -1.99 -7.19 5.72
CA PHE C 7 -2.81 -5.99 5.56
C PHE C 7 -2.04 -4.81 4.96
N MET C 8 -0.72 -4.85 5.05
CA MET C 8 0.10 -3.78 4.50
C MET C 8 0.48 -4.08 3.05
N LYS C 9 0.26 -5.32 2.63
CA LYS C 9 0.62 -5.74 1.28
C LYS C 9 -0.25 -5.06 0.22
N LYS C 10 0.34 -4.79 -0.93
CA LYS C 10 -0.42 -4.33 -2.08
C LYS C 10 -1.33 -5.46 -2.51
N VAL C 11 -2.43 -5.12 -3.15
CA VAL C 11 -3.47 -6.11 -3.44
C VAL C 11 -3.54 -6.43 -4.93
N ALA C 12 -3.48 -7.71 -5.24
CA ALA C 12 -3.70 -8.17 -6.60
C ALA C 12 -5.12 -8.73 -6.71
N VAL C 13 -5.97 -8.04 -7.46
CA VAL C 13 -7.37 -8.45 -7.60
C VAL C 13 -7.54 -9.15 -8.94
N ILE C 14 -8.04 -10.37 -8.90
CA ILE C 14 -8.24 -11.18 -10.10
C ILE C 14 -9.71 -11.50 -10.31
N ASP C 15 -10.24 -11.06 -11.45
CA ASP C 15 -11.55 -11.46 -11.90
C ASP C 15 -11.41 -12.88 -12.45
N ILE C 16 -12.03 -13.84 -11.77
CA ILE C 16 -11.82 -15.25 -12.09
C ILE C 16 -12.21 -15.63 -13.52
N GLU C 17 -13.38 -15.19 -13.94
CA GLU C 17 -13.93 -15.55 -15.23
C GLU C 17 -13.11 -15.01 -16.39
N GLY C 18 -12.52 -15.91 -17.16
CA GLY C 18 -11.80 -15.56 -18.36
C GLY C 18 -10.33 -15.29 -18.09
N THR C 19 -9.89 -15.59 -16.88
CA THR C 19 -8.50 -15.42 -16.50
C THR C 19 -8.00 -16.72 -15.88
N LEU C 20 -8.80 -17.27 -14.96
CA LEU C 20 -8.45 -18.51 -14.27
C LEU C 20 -9.26 -19.69 -14.79
N THR C 21 -10.27 -19.40 -15.59
CA THR C 21 -11.15 -20.44 -16.14
C THR C 21 -11.84 -20.00 -17.44
N ASP C 22 -12.06 -20.97 -18.32
CA ASP C 22 -12.76 -20.72 -19.58
C ASP C 22 -14.25 -20.87 -19.37
N PHE C 23 -14.62 -21.32 -18.17
CA PHE C 23 -16.01 -21.64 -17.86
C PHE C 23 -16.88 -20.39 -17.80
N GLU C 24 -18.00 -20.44 -18.51
CA GLU C 24 -18.97 -19.36 -18.53
C GLU C 24 -20.32 -19.94 -18.14
N PHE C 25 -20.66 -19.77 -16.86
CA PHE C 25 -21.81 -20.42 -16.23
C PHE C 25 -23.11 -20.27 -17.02
N TRP C 26 -23.34 -19.08 -17.58
CA TRP C 26 -24.59 -18.79 -18.26
C TRP C 26 -24.68 -19.49 -19.61
N ARG C 27 -23.54 -19.64 -20.28
CA ARG C 27 -23.48 -20.37 -21.55
C ARG C 27 -23.72 -21.85 -21.31
N GLU C 28 -23.15 -22.35 -20.22
CA GLU C 28 -23.34 -23.73 -19.82
C GLU C 28 -24.81 -23.98 -19.53
N MET C 29 -25.42 -23.09 -18.77
CA MET C 29 -26.84 -23.13 -18.51
C MET C 29 -27.67 -23.07 -19.79
N ALA C 30 -27.23 -22.26 -20.74
CA ALA C 30 -27.86 -22.19 -22.06
C ALA C 30 -27.84 -23.56 -22.74
N ARG C 31 -26.75 -24.30 -22.57
CA ARG C 31 -26.66 -25.66 -23.11
C ARG C 31 -27.62 -26.63 -22.39
N ILE C 32 -27.54 -26.67 -21.06
CA ILE C 32 -28.39 -27.55 -20.23
C ILE C 32 -29.89 -27.33 -20.44
N THR C 33 -30.31 -26.08 -20.49
CA THR C 33 -31.73 -25.74 -20.54
C THR C 33 -32.22 -25.47 -21.96
N GLY C 34 -31.28 -25.43 -22.90
CA GLY C 34 -31.61 -25.20 -24.30
C GLY C 34 -32.24 -23.84 -24.56
N LYS C 35 -32.36 -23.04 -23.51
CA LYS C 35 -32.86 -21.69 -23.64
C LYS C 35 -31.71 -20.83 -24.15
N ARG C 36 -31.79 -20.48 -25.43
CA ARG C 36 -30.73 -19.72 -26.09
C ARG C 36 -30.90 -18.23 -25.80
N GLU C 37 -32.06 -17.86 -25.27
CA GLU C 37 -32.31 -16.50 -24.82
C GLU C 37 -31.33 -16.14 -23.70
N ILE C 38 -30.85 -17.15 -22.99
CA ILE C 38 -29.87 -16.95 -21.93
C ILE C 38 -28.56 -16.44 -22.51
N GLU C 39 -28.05 -17.17 -23.49
CA GLU C 39 -26.76 -16.84 -24.09
C GLU C 39 -26.87 -15.58 -24.93
N GLU C 40 -28.05 -15.34 -25.49
CA GLU C 40 -28.34 -14.12 -26.24
C GLU C 40 -28.32 -12.92 -25.30
N LEU C 41 -28.89 -13.08 -24.12
CA LEU C 41 -28.93 -12.03 -23.11
C LEU C 41 -27.53 -11.74 -22.57
N LEU C 42 -26.74 -12.80 -22.38
CA LEU C 42 -25.34 -12.66 -22.02
C LEU C 42 -24.59 -11.84 -23.07
N GLU C 43 -24.65 -12.29 -24.32
CA GLU C 43 -24.03 -11.58 -25.44
C GLU C 43 -24.41 -10.10 -25.52
N LYS C 44 -25.71 -9.82 -25.38
CA LYS C 44 -26.21 -8.44 -25.41
C LYS C 44 -25.66 -7.64 -24.22
N GLY C 45 -25.56 -8.30 -23.08
CA GLY C 45 -25.12 -7.66 -21.85
C GLY C 45 -23.64 -7.27 -21.85
N LEU C 46 -22.81 -8.16 -22.36
CA LEU C 46 -21.38 -7.91 -22.45
C LEU C 46 -21.07 -6.79 -23.43
N SER C 47 -21.80 -6.79 -24.56
CA SER C 47 -21.63 -5.78 -25.60
C SER C 47 -22.21 -4.42 -25.20
N GLY C 48 -22.82 -4.37 -24.03
CA GLY C 48 -23.40 -3.14 -23.52
C GLY C 48 -24.62 -2.67 -24.30
N GLU C 49 -25.22 -3.58 -25.08
CA GLU C 49 -26.45 -3.29 -25.79
C GLU C 49 -27.57 -3.04 -24.78
N VAL C 50 -27.59 -3.87 -23.75
CA VAL C 50 -28.56 -3.72 -22.67
C VAL C 50 -27.78 -3.54 -21.38
N GLU C 51 -28.40 -2.88 -20.41
CA GLU C 51 -27.74 -2.67 -19.12
C GLU C 51 -27.49 -4.02 -18.46
N TRP C 52 -26.25 -4.21 -17.99
CA TRP C 52 -25.81 -5.46 -17.39
C TRP C 52 -26.79 -6.11 -16.39
N LEU C 53 -27.20 -5.35 -15.38
CA LEU C 53 -28.10 -5.88 -14.35
C LEU C 53 -29.44 -6.36 -14.90
N ASP C 54 -29.97 -5.65 -15.90
CA ASP C 54 -31.26 -5.99 -16.49
C ASP C 54 -31.18 -7.37 -17.13
N SER C 55 -30.21 -7.53 -18.03
CA SER C 55 -29.96 -8.79 -18.70
C SER C 55 -29.71 -9.90 -17.68
N LEU C 56 -28.92 -9.59 -16.65
CA LEU C 56 -28.61 -10.55 -15.59
C LEU C 56 -29.86 -11.09 -14.91
N LEU C 57 -30.71 -10.18 -14.46
CA LEU C 57 -31.93 -10.56 -13.76
C LEU C 57 -32.89 -11.31 -14.69
N LYS C 58 -32.88 -10.95 -15.96
CA LYS C 58 -33.65 -11.68 -16.96
C LYS C 58 -33.15 -13.14 -17.05
N ARG C 59 -31.83 -13.30 -17.12
CA ARG C 59 -31.21 -14.63 -17.13
C ARG C 59 -31.57 -15.44 -15.88
N VAL C 60 -31.52 -14.78 -14.72
CA VAL C 60 -31.90 -15.41 -13.46
C VAL C 60 -33.34 -15.90 -13.53
N GLY C 61 -34.22 -15.05 -14.04
CA GLY C 61 -35.63 -15.39 -14.18
C GLY C 61 -35.85 -16.55 -15.13
N LEU C 62 -34.95 -16.67 -16.11
CA LEU C 62 -35.06 -17.76 -17.08
C LEU C 62 -34.75 -19.11 -16.44
N ILE C 63 -33.77 -19.12 -15.55
CA ILE C 63 -33.31 -20.35 -14.91
C ILE C 63 -34.03 -20.63 -13.58
N ARG C 64 -35.08 -19.88 -13.30
CA ARG C 64 -35.84 -20.06 -12.07
C ARG C 64 -36.50 -21.42 -12.12
N GLY C 65 -36.52 -22.11 -10.99
CA GLY C 65 -37.13 -23.43 -10.92
C GLY C 65 -36.16 -24.58 -11.13
N ILE C 66 -34.97 -24.28 -11.65
CA ILE C 66 -33.96 -25.32 -11.85
C ILE C 66 -33.70 -26.03 -10.52
N ASP C 67 -33.35 -27.31 -10.61
CA ASP C 67 -33.15 -28.09 -9.41
C ASP C 67 -31.86 -27.64 -8.73
N GLU C 68 -31.88 -27.61 -7.40
CA GLU C 68 -30.71 -27.21 -6.61
C GLU C 68 -29.51 -28.09 -6.95
N GLY C 69 -29.71 -29.40 -6.94
CA GLY C 69 -28.66 -30.35 -7.23
C GLY C 69 -28.04 -30.17 -8.60
N THR C 70 -28.89 -30.05 -9.61
CA THR C 70 -28.46 -29.84 -10.99
C THR C 70 -27.59 -28.58 -11.07
N PHE C 71 -28.04 -27.54 -10.38
CA PHE C 71 -27.34 -26.25 -10.31
C PHE C 71 -25.95 -26.42 -9.72
N LEU C 72 -25.87 -26.94 -8.50
CA LEU C 72 -24.58 -27.11 -7.81
C LEU C 72 -23.65 -28.09 -8.55
N ARG C 73 -24.23 -29.00 -9.31
CA ARG C 73 -23.47 -29.95 -10.10
C ARG C 73 -22.55 -29.26 -11.11
N THR C 74 -22.94 -28.06 -11.56
CA THR C 74 -22.18 -27.32 -12.57
C THR C 74 -20.76 -27.01 -12.12
N ARG C 75 -20.56 -27.10 -10.81
CA ARG C 75 -19.27 -26.99 -10.17
C ARG C 75 -18.24 -27.96 -10.76
N GLU C 76 -18.73 -29.10 -11.25
CA GLU C 76 -17.86 -30.17 -11.74
C GLU C 76 -17.09 -29.77 -12.99
N LYS C 77 -17.60 -28.76 -13.70
CA LYS C 77 -16.90 -28.25 -14.88
C LYS C 77 -15.92 -27.14 -14.50
N VAL C 78 -15.85 -26.81 -13.22
CA VAL C 78 -14.92 -25.78 -12.77
C VAL C 78 -13.72 -26.43 -12.10
N ASN C 79 -12.52 -26.09 -12.56
CA ASN C 79 -11.32 -26.73 -12.07
C ASN C 79 -10.15 -25.75 -11.99
N VAL C 80 -9.42 -25.80 -10.87
CA VAL C 80 -8.26 -24.96 -10.67
C VAL C 80 -7.07 -25.51 -11.45
N SER C 81 -6.86 -24.99 -12.66
CA SER C 81 -5.75 -25.42 -13.50
C SER C 81 -4.42 -25.18 -12.78
N PRO C 82 -3.35 -25.89 -13.18
CA PRO C 82 -2.10 -25.70 -12.44
C PRO C 82 -1.47 -24.35 -12.74
N GLU C 83 -1.79 -23.80 -13.91
CA GLU C 83 -1.35 -22.48 -14.31
C GLU C 83 -1.91 -21.39 -13.39
N ALA C 84 -3.18 -21.53 -13.03
CA ALA C 84 -3.84 -20.59 -12.13
C ALA C 84 -3.16 -20.61 -10.77
N ARG C 85 -3.01 -21.81 -10.22
CA ARG C 85 -2.32 -22.01 -8.96
C ARG C 85 -0.94 -21.37 -9.01
N GLU C 86 -0.23 -21.56 -10.13
CA GLU C 86 1.09 -20.96 -10.29
C GLU C 86 1.01 -19.44 -10.24
N LEU C 87 0.04 -18.86 -10.95
CA LEU C 87 -0.17 -17.41 -10.93
C LEU C 87 -0.35 -16.89 -9.51
N VAL C 88 -1.33 -17.42 -8.79
CA VAL C 88 -1.61 -16.99 -7.42
C VAL C 88 -0.38 -17.13 -6.50
N GLU C 89 0.25 -18.29 -6.53
CA GLU C 89 1.42 -18.55 -5.69
C GLU C 89 2.57 -17.60 -6.03
N THR C 90 2.71 -17.29 -7.32
CA THR C 90 3.71 -16.33 -7.79
C THR C 90 3.43 -14.93 -7.27
N LEU C 91 2.18 -14.49 -7.41
CA LEU C 91 1.73 -13.21 -6.88
C LEU C 91 2.10 -13.10 -5.39
N ARG C 92 1.86 -14.17 -4.63
CA ARG C 92 2.26 -14.20 -3.23
C ARG C 92 3.76 -14.08 -3.08
N GLU C 93 4.51 -14.79 -3.93
CA GLU C 93 5.97 -14.66 -3.93
C GLU C 93 6.34 -13.20 -4.24
N LYS C 94 5.73 -12.64 -5.28
CA LYS C 94 6.05 -11.29 -5.70
C LYS C 94 5.43 -10.22 -4.77
N GLY C 95 4.98 -10.65 -3.59
CA GLY C 95 4.64 -9.73 -2.53
C GLY C 95 3.20 -9.25 -2.49
N PHE C 96 2.35 -9.83 -3.33
CA PHE C 96 0.97 -9.38 -3.40
C PHE C 96 0.06 -10.11 -2.40
N LYS C 97 -1.11 -9.53 -2.18
CA LYS C 97 -2.17 -10.20 -1.46
C LYS C 97 -3.24 -10.52 -2.49
N VAL C 98 -3.55 -11.79 -2.66
CA VAL C 98 -4.42 -12.18 -3.77
C VAL C 98 -5.89 -12.18 -3.37
N VAL C 99 -6.68 -11.44 -4.14
CA VAL C 99 -8.11 -11.33 -3.92
C VAL C 99 -8.85 -11.80 -5.16
N LEU C 100 -9.67 -12.84 -5.00
CA LEU C 100 -10.41 -13.39 -6.12
C LEU C 100 -11.84 -12.87 -6.13
N ILE C 101 -12.27 -12.41 -7.29
CA ILE C 101 -13.62 -11.89 -7.45
C ILE C 101 -14.35 -12.45 -8.67
N SER C 102 -15.66 -12.49 -8.57
CA SER C 102 -16.50 -12.86 -9.71
C SER C 102 -17.91 -12.34 -9.52
N GLY C 103 -18.62 -12.14 -10.62
CA GLY C 103 -20.02 -11.78 -10.59
C GLY C 103 -20.87 -13.01 -10.43
N SER C 104 -20.27 -14.17 -10.71
CA SER C 104 -20.95 -15.45 -10.66
C SER C 104 -21.03 -16.01 -9.24
N PHE C 105 -21.52 -17.24 -9.12
CA PHE C 105 -21.81 -17.84 -7.82
C PHE C 105 -20.64 -18.52 -7.10
N GLU C 106 -20.61 -18.36 -5.77
CA GLU C 106 -19.61 -19.02 -4.93
C GLU C 106 -19.79 -20.53 -5.04
N GLU C 107 -21.04 -20.97 -5.20
CA GLU C 107 -21.38 -22.38 -5.21
C GLU C 107 -20.79 -23.11 -6.41
N VAL C 108 -20.73 -22.41 -7.55
CA VAL C 108 -20.09 -22.96 -8.74
C VAL C 108 -18.58 -22.75 -8.66
N LEU C 109 -18.16 -21.58 -8.19
CA LEU C 109 -16.75 -21.23 -8.19
C LEU C 109 -16.05 -21.56 -6.88
N GLU C 110 -16.61 -22.54 -6.17
CA GLU C 110 -16.05 -22.98 -4.89
C GLU C 110 -14.58 -23.44 -4.89
N PRO C 111 -14.09 -24.08 -5.98
CA PRO C 111 -12.70 -24.54 -5.87
C PRO C 111 -11.72 -23.41 -5.60
N PHE C 112 -12.07 -22.22 -6.08
CA PHE C 112 -11.21 -21.05 -5.95
C PHE C 112 -11.34 -20.38 -4.59
N LYS C 113 -12.32 -20.81 -3.81
CA LYS C 113 -12.66 -20.15 -2.53
C LYS C 113 -11.48 -20.07 -1.56
N GLU C 114 -10.62 -21.07 -1.58
CA GLU C 114 -9.49 -21.14 -0.66
C GLU C 114 -8.15 -20.90 -1.35
N LEU C 115 -8.19 -20.64 -2.66
CA LEU C 115 -6.97 -20.40 -3.42
C LEU C 115 -6.29 -19.08 -3.05
N GLY C 116 -7.02 -17.98 -3.19
CA GLY C 116 -6.48 -16.67 -2.86
C GLY C 116 -6.65 -16.37 -1.38
N ASP C 117 -6.22 -15.19 -0.94
CA ASP C 117 -6.30 -14.81 0.46
C ASP C 117 -7.70 -14.30 0.83
N GLU C 118 -8.41 -13.79 -0.17
CA GLU C 118 -9.78 -13.35 0.00
C GLU C 118 -10.61 -13.75 -1.20
N PHE C 119 -11.87 -14.10 -0.98
CA PHE C 119 -12.72 -14.55 -2.06
C PHE C 119 -14.09 -13.89 -1.97
N MET C 120 -14.52 -13.27 -3.05
CA MET C 120 -15.85 -12.71 -3.12
C MET C 120 -16.53 -12.98 -4.45
N ALA C 121 -17.72 -13.56 -4.39
CA ALA C 121 -18.60 -13.68 -5.53
C ALA C 121 -20.03 -13.56 -5.01
N ASN C 122 -21.00 -13.53 -5.92
CA ASN C 122 -22.41 -13.47 -5.53
C ASN C 122 -22.91 -14.86 -5.14
N ARG C 123 -24.12 -14.97 -4.60
CA ARG C 123 -24.61 -16.31 -4.24
C ARG C 123 -25.98 -16.66 -4.79
N ALA C 124 -26.40 -17.86 -4.46
CA ALA C 124 -27.67 -18.39 -4.94
C ALA C 124 -28.66 -18.55 -3.80
N ILE C 125 -29.93 -18.30 -4.11
CA ILE C 125 -31.03 -18.46 -3.18
C ILE C 125 -31.77 -19.75 -3.53
N PHE C 126 -31.95 -20.62 -2.54
CA PHE C 126 -32.63 -21.88 -2.77
C PHE C 126 -33.79 -22.08 -1.79
N GLU C 127 -35.01 -21.93 -2.30
CA GLU C 127 -36.20 -22.20 -1.49
C GLU C 127 -36.86 -23.48 -1.97
N ASP C 128 -37.16 -24.38 -1.03
CA ASP C 128 -37.79 -25.67 -1.31
C ASP C 128 -37.08 -26.50 -2.41
N GLY C 129 -35.75 -26.56 -2.33
CA GLY C 129 -34.95 -27.39 -3.22
C GLY C 129 -34.86 -26.90 -4.66
N LYS C 130 -35.52 -25.77 -4.93
CA LYS C 130 -35.50 -25.18 -6.25
C LYS C 130 -34.90 -23.78 -6.21
N PHE C 131 -34.15 -23.44 -7.26
CA PHE C 131 -33.48 -22.15 -7.37
C PHE C 131 -34.43 -20.96 -7.55
N GLN C 132 -34.29 -19.96 -6.68
CA GLN C 132 -35.18 -18.82 -6.73
C GLN C 132 -34.55 -17.54 -7.29
N GLY C 133 -33.32 -17.24 -6.89
CA GLY C 133 -32.70 -16.00 -7.34
C GLY C 133 -31.26 -15.79 -6.89
N ILE C 134 -30.79 -14.55 -7.02
CA ILE C 134 -29.38 -14.24 -6.80
C ILE C 134 -29.19 -13.27 -5.64
N ARG C 135 -28.23 -13.58 -4.77
CA ARG C 135 -27.79 -12.67 -3.74
C ARG C 135 -26.63 -11.86 -4.28
N LEU C 136 -26.88 -10.58 -4.52
CA LEU C 136 -25.85 -9.66 -4.97
C LEU C 136 -25.09 -9.14 -3.76
N ARG C 137 -23.87 -9.65 -3.58
CA ARG C 137 -23.04 -9.34 -2.42
C ARG C 137 -22.22 -8.06 -2.61
N PHE C 138 -22.03 -7.64 -3.86
CA PHE C 138 -21.43 -6.35 -4.15
C PHE C 138 -22.14 -5.65 -5.31
N ARG C 139 -22.02 -4.33 -5.37
CA ARG C 139 -22.72 -3.53 -6.39
C ARG C 139 -22.14 -3.82 -7.77
N ASP C 140 -20.81 -3.75 -7.85
CA ASP C 140 -20.06 -4.16 -9.03
C ASP C 140 -18.60 -4.29 -8.60
N LYS C 141 -17.73 -4.64 -9.53
CA LYS C 141 -16.35 -4.96 -9.17
C LYS C 141 -15.54 -3.71 -8.80
N GLY C 142 -15.79 -2.62 -9.51
CA GLY C 142 -15.18 -1.34 -9.17
C GLY C 142 -15.53 -0.91 -7.77
N GLU C 143 -16.82 -0.93 -7.46
CA GLU C 143 -17.31 -0.59 -6.12
C GLU C 143 -16.71 -1.52 -5.07
N PHE C 144 -16.63 -2.81 -5.41
CA PHE C 144 -16.01 -3.78 -4.54
C PHE C 144 -14.57 -3.38 -4.20
N LEU C 145 -13.84 -2.90 -5.20
CA LEU C 145 -12.43 -2.54 -5.03
C LEU C 145 -12.19 -1.43 -4.00
N LYS C 146 -13.26 -0.77 -3.57
CA LYS C 146 -13.16 0.28 -2.56
C LYS C 146 -12.78 -0.29 -1.19
N ARG C 147 -12.80 -1.61 -1.06
CA ARG C 147 -12.40 -2.26 0.18
C ARG C 147 -10.91 -2.10 0.39
N PHE C 148 -10.19 -1.78 -0.68
CA PHE C 148 -8.75 -1.67 -0.64
C PHE C 148 -8.29 -0.30 -1.10
N ARG C 149 -9.12 0.71 -0.85
CA ARG C 149 -8.83 2.09 -1.25
C ARG C 149 -7.66 2.66 -0.45
N ASP C 150 -7.32 1.98 0.65
CA ASP C 150 -6.30 2.48 1.56
C ASP C 150 -4.91 1.97 1.20
N GLY C 151 -4.81 1.23 0.11
CA GLY C 151 -3.56 0.70 -0.37
C GLY C 151 -3.48 0.74 -1.88
N PHE C 152 -2.59 -0.04 -2.47
CA PHE C 152 -2.45 -0.10 -3.92
C PHE C 152 -3.09 -1.35 -4.51
N ILE C 153 -3.40 -1.30 -5.80
CA ILE C 153 -4.14 -2.38 -6.45
C ILE C 153 -3.63 -2.65 -7.86
N LEU C 154 -3.20 -3.89 -8.08
CA LEU C 154 -2.93 -4.42 -9.40
C LEU C 154 -4.14 -5.26 -9.78
N ALA C 155 -4.82 -4.89 -10.86
CA ALA C 155 -6.04 -5.61 -11.25
C ALA C 155 -5.88 -6.37 -12.56
N MET C 156 -6.22 -7.65 -12.51
CA MET C 156 -6.23 -8.51 -13.68
C MET C 156 -7.65 -9.01 -13.91
N GLY C 157 -8.17 -8.85 -15.13
CA GLY C 157 -9.54 -9.25 -15.44
C GLY C 157 -9.77 -9.56 -16.92
N ASP C 158 -10.95 -10.11 -17.22
CA ASP C 158 -11.27 -10.52 -18.60
C ASP C 158 -12.66 -9.91 -18.88
N GLY C 159 -13.36 -10.46 -19.87
CA GLY C 159 -14.59 -9.86 -20.34
C GLY C 159 -15.76 -9.66 -19.40
N TYR C 160 -15.60 -10.08 -18.16
CA TYR C 160 -16.62 -9.87 -17.16
C TYR C 160 -16.24 -8.67 -16.31
N ALA C 161 -15.05 -8.14 -16.58
CA ALA C 161 -14.62 -6.89 -15.99
C ALA C 161 -14.91 -5.77 -16.98
N ASP C 162 -14.75 -4.54 -16.53
CA ASP C 162 -14.99 -3.37 -17.38
C ASP C 162 -14.17 -2.18 -16.88
N ALA C 163 -14.38 -1.02 -17.50
CA ALA C 163 -13.60 0.18 -17.18
C ALA C 163 -13.66 0.57 -15.71
N LYS C 164 -14.83 0.47 -15.09
CA LYS C 164 -15.02 0.89 -13.70
C LYS C 164 -14.09 0.13 -12.73
N MET C 165 -13.87 -1.15 -13.00
CA MET C 165 -12.97 -1.98 -12.17
C MET C 165 -11.53 -1.50 -12.30
N PHE C 166 -11.16 -1.04 -13.49
CA PHE C 166 -9.77 -0.68 -13.77
C PHE C 166 -9.41 0.75 -13.41
N GLU C 167 -10.41 1.63 -13.39
CA GLU C 167 -10.19 3.03 -13.04
C GLU C 167 -9.92 3.18 -11.53
N ARG C 168 -10.03 2.06 -10.82
CA ARG C 168 -9.69 1.97 -9.40
C ARG C 168 -8.26 1.47 -9.19
N ALA C 169 -7.79 0.60 -10.08
CA ALA C 169 -6.48 -0.01 -9.94
C ALA C 169 -5.37 0.95 -10.31
N ASP C 170 -4.22 0.80 -9.64
CA ASP C 170 -3.05 1.60 -9.95
C ASP C 170 -2.35 1.04 -11.18
N MET C 171 -2.35 -0.29 -11.29
CA MET C 171 -1.90 -0.94 -12.51
C MET C 171 -2.96 -1.92 -12.96
N GLY C 172 -3.40 -1.79 -14.21
CA GLY C 172 -4.42 -2.67 -14.75
C GLY C 172 -3.89 -3.54 -15.87
N ILE C 173 -4.25 -4.82 -15.84
CA ILE C 173 -3.87 -5.76 -16.89
C ILE C 173 -5.11 -6.47 -17.40
N ALA C 174 -5.33 -6.36 -18.71
CA ALA C 174 -6.45 -7.03 -19.37
C ALA C 174 -6.00 -8.36 -19.92
N VAL C 175 -6.91 -9.33 -19.97
CA VAL C 175 -6.63 -10.61 -20.45
C VAL C 175 -7.45 -10.99 -21.72
N GLY C 176 -6.80 -11.48 -22.78
CA GLY C 176 -7.52 -11.80 -23.97
C GLY C 176 -8.04 -10.79 -24.95
N ARG C 177 -8.81 -9.85 -24.40
CA ARG C 177 -9.30 -8.71 -25.17
C ARG C 177 -9.19 -7.41 -24.39
N GLU C 178 -8.93 -6.33 -25.12
CA GLU C 178 -8.61 -5.04 -24.54
C GLU C 178 -9.81 -4.45 -23.78
N ILE C 179 -9.49 -3.76 -22.69
CA ILE C 179 -10.49 -3.13 -21.85
C ILE C 179 -10.08 -1.69 -21.59
N PRO C 180 -11.01 -0.73 -21.80
CA PRO C 180 -10.75 0.69 -21.56
C PRO C 180 -10.29 0.91 -20.12
N GLY C 181 -9.12 1.52 -19.95
CA GLY C 181 -8.61 1.78 -18.62
C GLY C 181 -7.40 0.93 -18.29
N ALA C 182 -7.37 -0.28 -18.83
CA ALA C 182 -6.25 -1.19 -18.58
C ALA C 182 -4.96 -0.61 -19.15
N ASP C 183 -3.86 -0.85 -18.46
CA ASP C 183 -2.57 -0.33 -18.88
C ASP C 183 -1.92 -1.28 -19.87
N LEU C 184 -2.10 -2.57 -19.64
CA LEU C 184 -1.47 -3.60 -20.46
C LEU C 184 -2.49 -4.58 -21.01
N LEU C 185 -2.07 -5.34 -22.02
CA LEU C 185 -2.89 -6.42 -22.55
C LEU C 185 -2.05 -7.68 -22.70
N VAL C 186 -2.49 -8.76 -22.06
CA VAL C 186 -1.93 -10.07 -22.30
C VAL C 186 -2.97 -10.88 -23.08
N LYS C 187 -2.56 -12.01 -23.66
CA LYS C 187 -3.42 -12.74 -24.58
C LYS C 187 -4.14 -13.88 -23.87
N ASP C 188 -3.53 -14.35 -22.78
CA ASP C 188 -4.02 -15.52 -22.06
C ASP C 188 -3.30 -15.66 -20.73
N LEU C 189 -3.76 -16.58 -19.87
CA LEU C 189 -3.19 -16.77 -18.54
C LEU C 189 -1.67 -17.08 -18.55
N LYS C 190 -1.21 -17.84 -19.55
CA LYS C 190 0.22 -18.16 -19.63
C LYS C 190 1.10 -16.91 -19.70
N GLU C 191 0.87 -16.10 -20.74
CA GLU C 191 1.62 -14.86 -20.94
C GLU C 191 1.56 -13.98 -19.68
N LEU C 192 0.41 -13.97 -19.02
CA LEU C 192 0.22 -13.22 -17.78
C LEU C 192 1.13 -13.75 -16.66
N VAL C 193 1.23 -15.08 -16.54
CA VAL C 193 2.13 -15.67 -15.55
C VAL C 193 3.59 -15.34 -15.88
N ASP C 194 3.93 -15.39 -17.17
CA ASP C 194 5.27 -15.03 -17.62
C ASP C 194 5.59 -13.59 -17.22
N PHE C 195 4.58 -12.74 -17.36
CA PHE C 195 4.68 -11.34 -16.93
C PHE C 195 4.91 -11.22 -15.41
N ILE C 196 4.07 -11.90 -14.64
CA ILE C 196 4.12 -11.82 -13.18
C ILE C 196 5.43 -12.35 -12.58
N LYS C 197 5.99 -13.41 -13.17
CA LYS C 197 7.24 -13.97 -12.65
C LYS C 197 8.41 -13.03 -12.97
N ASN C 198 8.17 -12.07 -13.85
CA ASN C 198 9.18 -11.08 -14.20
C ASN C 198 9.28 -9.87 -13.27
N LEU C 199 8.68 -9.97 -12.09
CA LEU C 199 8.60 -8.84 -11.18
C LEU C 199 9.60 -8.80 -10.03
N LYS C 200 10.01 -7.59 -9.63
CA LYS C 200 10.93 -7.41 -8.52
C LYS C 200 12.33 -7.94 -8.82
N GLY D 1 20.06 35.14 7.60
CA GLY D 1 19.34 34.05 6.98
C GLY D 1 19.27 32.83 7.87
N ALA D 2 18.69 33.00 9.06
CA ALA D 2 18.58 31.91 10.03
C ALA D 2 17.68 30.77 9.55
N MET D 3 16.87 31.04 8.51
CA MET D 3 15.98 30.01 7.96
C MET D 3 15.59 30.22 6.51
N ASP D 4 15.61 29.12 5.76
CA ASP D 4 14.95 29.07 4.46
C ASP D 4 13.79 28.10 4.64
N PRO D 5 12.57 28.63 4.72
CA PRO D 5 11.38 27.79 4.88
C PRO D 5 11.00 27.16 3.55
N GLN D 6 11.76 26.14 3.16
CA GLN D 6 11.59 25.50 1.87
C GLN D 6 10.24 24.82 1.74
N PHE D 7 9.74 24.27 2.85
CA PHE D 7 8.51 23.47 2.81
C PHE D 7 7.28 24.33 2.56
N MET D 8 7.39 25.62 2.82
CA MET D 8 6.28 26.55 2.62
C MET D 8 6.34 27.15 1.22
N LYS D 9 7.46 26.97 0.54
CA LYS D 9 7.62 27.51 -0.80
C LYS D 9 6.72 26.81 -1.80
N LYS D 10 6.25 27.55 -2.79
CA LYS D 10 5.55 26.97 -3.93
C LYS D 10 6.56 26.15 -4.73
N VAL D 11 6.07 25.17 -5.47
CA VAL D 11 6.95 24.21 -6.12
C VAL D 11 6.98 24.40 -7.63
N ALA D 12 8.19 24.53 -8.18
CA ALA D 12 8.39 24.55 -9.61
C ALA D 12 8.88 23.17 -10.07
N VAL D 13 8.04 22.47 -10.82
CA VAL D 13 8.34 21.13 -11.28
C VAL D 13 8.76 21.16 -12.74
N ILE D 14 9.94 20.60 -13.02
CA ILE D 14 10.44 20.57 -14.38
C ILE D 14 10.57 19.13 -14.85
N ASP D 15 9.86 18.80 -15.92
CA ASP D 15 10.05 17.53 -16.58
C ASP D 15 11.31 17.68 -17.41
N ILE D 16 12.35 16.95 -17.01
CA ILE D 16 13.68 17.14 -17.58
C ILE D 16 13.75 16.89 -19.07
N GLU D 17 13.17 15.77 -19.52
CA GLU D 17 13.30 15.39 -20.92
C GLU D 17 12.67 16.40 -21.88
N GLY D 18 13.51 17.07 -22.66
CA GLY D 18 13.04 17.99 -23.66
C GLY D 18 12.84 19.40 -23.15
N THR D 19 13.33 19.66 -21.94
CA THR D 19 13.20 20.99 -21.34
C THR D 19 14.60 21.44 -20.91
N LEU D 20 15.34 20.51 -20.31
CA LEU D 20 16.70 20.79 -19.87
C LEU D 20 17.71 20.07 -20.77
N THR D 21 17.23 19.17 -21.62
CA THR D 21 18.09 18.41 -22.52
C THR D 21 17.35 17.92 -23.76
N ASP D 22 18.06 17.88 -24.88
CA ASP D 22 17.48 17.40 -26.13
C ASP D 22 17.64 15.89 -26.20
N PHE D 23 18.33 15.32 -25.22
CA PHE D 23 18.64 13.90 -25.19
C PHE D 23 17.40 13.03 -24.96
N GLU D 24 17.28 12.00 -25.79
CA GLU D 24 16.20 11.04 -25.69
C GLU D 24 16.76 9.64 -25.61
N PHE D 25 16.81 9.11 -24.39
CA PHE D 25 17.47 7.84 -24.08
C PHE D 25 17.07 6.67 -24.99
N TRP D 26 15.78 6.57 -25.28
CA TRP D 26 15.26 5.43 -26.03
C TRP D 26 15.67 5.44 -27.49
N ARG D 27 15.75 6.62 -28.07
CA ARG D 27 16.21 6.78 -29.44
C ARG D 27 17.69 6.42 -29.52
N GLU D 28 18.44 6.81 -28.49
CA GLU D 28 19.85 6.51 -28.43
C GLU D 28 20.07 4.99 -28.37
N MET D 29 19.33 4.31 -27.51
CA MET D 29 19.41 2.86 -27.45
C MET D 29 18.98 2.20 -28.77
N ALA D 30 17.93 2.75 -29.39
CA ALA D 30 17.46 2.27 -30.69
C ALA D 30 18.55 2.35 -31.76
N ARG D 31 19.31 3.43 -31.74
CA ARG D 31 20.45 3.63 -32.65
C ARG D 31 21.52 2.60 -32.33
N ILE D 32 21.87 2.52 -31.05
CA ILE D 32 22.90 1.58 -30.57
C ILE D 32 22.63 0.12 -30.94
N THR D 33 21.38 -0.30 -30.84
CA THR D 33 21.03 -1.69 -31.08
C THR D 33 20.48 -1.93 -32.49
N GLY D 34 20.24 -0.84 -33.21
CA GLY D 34 19.68 -0.93 -34.55
C GLY D 34 18.24 -1.44 -34.58
N LYS D 35 17.68 -1.66 -33.39
CA LYS D 35 16.28 -2.07 -33.28
C LYS D 35 15.39 -0.85 -33.41
N ARG D 36 14.73 -0.74 -34.56
CA ARG D 36 13.90 0.41 -34.85
C ARG D 36 12.55 0.27 -34.17
N GLU D 37 12.25 -0.95 -33.74
CA GLU D 37 11.00 -1.22 -33.01
C GLU D 37 10.96 -0.43 -31.71
N ILE D 38 12.15 -0.14 -31.18
CA ILE D 38 12.26 0.65 -29.95
C ILE D 38 11.75 2.08 -30.20
N GLU D 39 12.27 2.70 -31.25
CA GLU D 39 11.94 4.09 -31.56
C GLU D 39 10.50 4.20 -32.10
N GLU D 40 10.05 3.15 -32.79
CA GLU D 40 8.69 3.07 -33.29
C GLU D 40 7.74 3.02 -32.10
N LEU D 41 8.13 2.25 -31.08
CA LEU D 41 7.36 2.13 -29.85
C LEU D 41 7.37 3.42 -29.03
N LEU D 42 8.50 4.13 -29.04
CA LEU D 42 8.57 5.45 -28.43
C LEU D 42 7.53 6.39 -29.08
N GLU D 43 7.61 6.49 -30.40
CA GLU D 43 6.67 7.30 -31.17
C GLU D 43 5.21 6.91 -30.85
N LYS D 44 4.94 5.61 -30.84
CA LYS D 44 3.60 5.09 -30.56
C LYS D 44 3.12 5.44 -29.16
N GLY D 45 4.04 5.40 -28.20
CA GLY D 45 3.71 5.66 -26.81
C GLY D 45 3.38 7.12 -26.61
N LEU D 46 4.14 8.00 -27.26
CA LEU D 46 3.90 9.43 -27.15
C LEU D 46 2.60 9.86 -27.83
N SER D 47 2.33 9.29 -29.00
CA SER D 47 1.11 9.60 -29.75
C SER D 47 -0.14 8.96 -29.14
N GLY D 48 0.03 8.17 -28.08
CA GLY D 48 -1.08 7.51 -27.42
C GLY D 48 -1.73 6.44 -28.28
N GLU D 49 -1.01 5.99 -29.30
CA GLU D 49 -1.49 4.92 -30.18
C GLU D 49 -1.65 3.63 -29.39
N VAL D 50 -0.67 3.34 -28.53
CA VAL D 50 -0.73 2.21 -27.63
C VAL D 50 -0.57 2.75 -26.22
N GLU D 51 -1.04 2.00 -25.23
CA GLU D 51 -0.91 2.44 -23.84
C GLU D 51 0.56 2.60 -23.46
N TRP D 52 0.87 3.75 -22.86
CA TRP D 52 2.24 4.11 -22.45
C TRP D 52 3.03 3.00 -21.77
N LEU D 53 2.46 2.42 -20.72
CA LEU D 53 3.15 1.39 -19.94
C LEU D 53 3.48 0.16 -20.79
N ASP D 54 2.58 -0.19 -21.70
CA ASP D 54 2.76 -1.35 -22.58
C ASP D 54 4.01 -1.17 -23.47
N SER D 55 4.05 -0.04 -24.16
CA SER D 55 5.19 0.33 -24.98
C SER D 55 6.48 0.38 -24.16
N LEU D 56 6.40 1.00 -22.99
CA LEU D 56 7.56 1.14 -22.11
C LEU D 56 8.14 -0.23 -21.76
N LEU D 57 7.29 -1.13 -21.28
CA LEU D 57 7.74 -2.47 -20.90
C LEU D 57 8.25 -3.25 -22.11
N LYS D 58 7.64 -3.04 -23.27
CA LYS D 58 8.14 -3.64 -24.51
C LYS D 58 9.58 -3.20 -24.80
N ARG D 59 9.82 -1.89 -24.67
CA ARG D 59 11.16 -1.32 -24.84
C ARG D 59 12.16 -1.87 -23.82
N VAL D 60 11.73 -1.96 -22.56
CA VAL D 60 12.55 -2.52 -21.49
C VAL D 60 12.95 -3.96 -21.82
N GLY D 61 11.99 -4.76 -22.26
CA GLY D 61 12.25 -6.13 -22.67
C GLY D 61 13.13 -6.23 -23.90
N LEU D 62 13.06 -5.20 -24.74
CA LEU D 62 13.82 -5.15 -25.99
C LEU D 62 15.30 -4.95 -25.75
N ILE D 63 15.58 -4.12 -24.76
CA ILE D 63 16.93 -3.76 -24.37
C ILE D 63 17.52 -4.65 -23.29
N ARG D 64 16.80 -5.71 -22.95
CA ARG D 64 17.20 -6.62 -21.88
C ARG D 64 18.49 -7.33 -22.22
N GLY D 65 19.38 -7.46 -21.25
CA GLY D 65 20.64 -8.13 -21.49
C GLY D 65 21.78 -7.20 -21.86
N ILE D 66 21.45 -5.95 -22.24
CA ILE D 66 22.46 -4.97 -22.60
C ILE D 66 23.50 -4.81 -21.49
N ASP D 67 24.73 -4.48 -21.85
CA ASP D 67 25.79 -4.39 -20.86
C ASP D 67 25.58 -3.16 -19.98
N GLU D 68 25.90 -3.32 -18.69
CA GLU D 68 25.79 -2.24 -17.71
C GLU D 68 26.60 -1.01 -18.13
N GLY D 69 27.86 -1.23 -18.48
CA GLY D 69 28.74 -0.15 -18.90
C GLY D 69 28.23 0.60 -20.11
N THR D 70 27.80 -0.16 -21.12
CA THR D 70 27.23 0.41 -22.34
C THR D 70 26.04 1.30 -21.97
N PHE D 71 25.21 0.80 -21.07
CA PHE D 71 24.05 1.53 -20.56
C PHE D 71 24.44 2.86 -19.93
N LEU D 72 25.29 2.82 -18.91
CA LEU D 72 25.69 4.02 -18.19
C LEU D 72 26.48 5.01 -19.04
N ARG D 73 27.11 4.53 -20.10
CA ARG D 73 27.88 5.40 -21.00
C ARG D 73 27.03 6.54 -21.56
N THR D 74 25.72 6.29 -21.69
CA THR D 74 24.80 7.28 -22.23
C THR D 74 24.73 8.55 -21.38
N ARG D 75 25.18 8.46 -20.12
CA ARG D 75 25.30 9.62 -19.24
C ARG D 75 26.17 10.70 -19.86
N GLU D 76 27.16 10.28 -20.64
CA GLU D 76 28.13 11.19 -21.24
C GLU D 76 27.50 12.07 -22.32
N LYS D 77 26.35 11.64 -22.85
CA LYS D 77 25.62 12.45 -23.83
C LYS D 77 24.62 13.41 -23.17
N VAL D 78 24.54 13.36 -21.84
CA VAL D 78 23.68 14.26 -21.08
C VAL D 78 24.54 15.35 -20.43
N ASN D 79 24.13 16.61 -20.56
CA ASN D 79 24.92 17.72 -20.07
C ASN D 79 24.06 18.80 -19.43
N VAL D 80 24.49 19.28 -18.27
CA VAL D 80 23.84 20.41 -17.65
C VAL D 80 24.32 21.66 -18.33
N SER D 81 23.56 22.07 -19.35
CA SER D 81 23.85 23.30 -20.08
C SER D 81 23.76 24.48 -19.12
N PRO D 82 24.42 25.60 -19.45
CA PRO D 82 24.39 26.72 -18.50
C PRO D 82 23.03 27.44 -18.51
N GLU D 83 22.28 27.30 -19.60
CA GLU D 83 20.92 27.82 -19.66
C GLU D 83 20.00 27.13 -18.66
N ALA D 84 20.13 25.82 -18.55
CA ALA D 84 19.33 25.02 -17.62
C ALA D 84 19.63 25.44 -16.18
N ARG D 85 20.92 25.49 -15.86
CA ARG D 85 21.39 25.95 -14.56
C ARG D 85 20.83 27.36 -14.27
N GLU D 86 20.82 28.21 -15.29
CA GLU D 86 20.27 29.56 -15.16
C GLU D 86 18.78 29.52 -14.81
N LEU D 87 18.03 28.69 -15.52
CA LEU D 87 16.61 28.49 -15.24
C LEU D 87 16.37 28.11 -13.79
N VAL D 88 17.01 27.03 -13.35
CA VAL D 88 16.85 26.54 -11.97
C VAL D 88 17.19 27.60 -10.92
N GLU D 89 18.38 28.19 -11.07
CA GLU D 89 18.86 29.19 -10.12
C GLU D 89 17.92 30.41 -10.07
N THR D 90 17.38 30.77 -11.24
CA THR D 90 16.41 31.85 -11.35
C THR D 90 15.11 31.51 -10.60
N LEU D 91 14.63 30.29 -10.81
CA LEU D 91 13.46 29.76 -10.10
C LEU D 91 13.64 29.89 -8.59
N ARG D 92 14.82 29.52 -8.08
CA ARG D 92 15.10 29.68 -6.66
C ARG D 92 15.04 31.16 -6.28
N GLU D 93 15.64 31.99 -7.13
CA GLU D 93 15.62 33.44 -6.95
C GLU D 93 14.17 33.92 -6.89
N LYS D 94 13.37 33.48 -7.85
CA LYS D 94 11.96 33.89 -7.95
C LYS D 94 11.03 33.22 -6.92
N GLY D 95 11.61 32.59 -5.91
CA GLY D 95 10.85 32.14 -4.75
C GLY D 95 10.33 30.72 -4.81
N PHE D 96 10.75 29.98 -5.83
CA PHE D 96 10.25 28.62 -6.02
C PHE D 96 11.12 27.57 -5.31
N LYS D 97 10.58 26.37 -5.18
CA LYS D 97 11.35 25.20 -4.79
C LYS D 97 11.41 24.29 -6.00
N VAL D 98 12.60 23.98 -6.49
CA VAL D 98 12.71 23.28 -7.77
C VAL D 98 12.76 21.77 -7.63
N VAL D 99 11.85 21.08 -8.32
CA VAL D 99 11.79 19.63 -8.34
C VAL D 99 11.92 19.13 -9.78
N LEU D 100 12.92 18.29 -10.05
CA LEU D 100 13.12 17.75 -11.39
C LEU D 100 12.61 16.32 -11.49
N ILE D 101 11.82 16.02 -12.52
CA ILE D 101 11.34 14.64 -12.74
C ILE D 101 11.48 14.17 -14.19
N SER D 102 11.59 12.86 -14.36
CA SER D 102 11.62 12.26 -15.68
C SER D 102 11.17 10.79 -15.59
N GLY D 103 10.71 10.25 -16.71
CA GLY D 103 10.36 8.85 -16.79
C GLY D 103 11.60 7.99 -16.99
N SER D 104 12.68 8.61 -17.43
CA SER D 104 13.93 7.91 -17.73
C SER D 104 14.73 7.62 -16.46
N PHE D 105 15.94 7.09 -16.64
CA PHE D 105 16.74 6.59 -15.52
C PHE D 105 17.61 7.62 -14.78
N GLU D 106 17.66 7.50 -13.45
CA GLU D 106 18.50 8.36 -12.61
C GLU D 106 19.96 8.18 -12.98
N GLU D 107 20.30 6.95 -13.38
CA GLU D 107 21.67 6.57 -13.67
C GLU D 107 22.18 7.34 -14.88
N VAL D 108 21.27 7.61 -15.82
CA VAL D 108 21.58 8.42 -16.99
C VAL D 108 21.48 9.92 -16.69
N LEU D 109 20.45 10.32 -15.95
CA LEU D 109 20.17 11.74 -15.71
C LEU D 109 20.86 12.25 -14.44
N GLU D 110 21.96 11.60 -14.09
CA GLU D 110 22.74 11.91 -12.89
C GLU D 110 23.19 13.37 -12.71
N PRO D 111 23.60 14.06 -13.80
CA PRO D 111 24.01 15.46 -13.62
C PRO D 111 22.94 16.34 -12.97
N PHE D 112 21.69 15.99 -13.22
CA PHE D 112 20.57 16.77 -12.73
C PHE D 112 20.19 16.43 -11.29
N LYS D 113 20.76 15.35 -10.74
CA LYS D 113 20.35 14.87 -9.42
C LYS D 113 20.52 15.90 -8.31
N GLU D 114 21.54 16.74 -8.42
CA GLU D 114 21.83 17.71 -7.37
C GLU D 114 21.54 19.13 -7.85
N LEU D 115 21.01 19.26 -9.05
CA LEU D 115 20.67 20.58 -9.62
C LEU D 115 19.52 21.25 -8.88
N GLY D 116 18.37 20.60 -8.85
CA GLY D 116 17.21 21.14 -8.15
C GLY D 116 17.22 20.75 -6.69
N ASP D 117 16.19 21.16 -5.96
CA ASP D 117 16.10 20.87 -4.54
C ASP D 117 15.58 19.45 -4.28
N GLU D 118 14.83 18.92 -5.25
CA GLU D 118 14.37 17.54 -5.19
C GLU D 118 14.46 16.90 -6.56
N PHE D 119 14.79 15.62 -6.59
CA PHE D 119 14.99 14.91 -7.86
C PHE D 119 14.35 13.52 -7.83
N MET D 120 13.53 13.23 -8.84
CA MET D 120 12.97 11.89 -8.97
C MET D 120 12.88 11.39 -10.41
N ALA D 121 13.42 10.20 -10.63
CA ALA D 121 13.22 9.48 -11.88
C ALA D 121 13.14 8.00 -11.55
N ASN D 122 12.84 7.18 -12.55
CA ASN D 122 12.81 5.74 -12.32
C ASN D 122 14.23 5.21 -12.33
N ARG D 123 14.42 3.94 -11.98
CA ARG D 123 15.79 3.42 -11.94
C ARG D 123 15.97 2.11 -12.71
N ALA D 124 17.22 1.64 -12.76
CA ALA D 124 17.56 0.45 -13.53
C ALA D 124 17.99 -0.71 -12.64
N ILE D 125 17.62 -1.91 -13.08
CA ILE D 125 17.99 -3.15 -12.40
C ILE D 125 19.16 -3.80 -13.13
N PHE D 126 20.22 -4.13 -12.40
CA PHE D 126 21.39 -4.77 -12.99
C PHE D 126 21.79 -6.04 -12.24
N GLU D 127 21.51 -7.19 -12.83
CA GLU D 127 21.95 -8.46 -12.25
C GLU D 127 23.11 -9.01 -13.06
N ASP D 128 24.20 -9.35 -12.38
CA ASP D 128 25.43 -9.87 -13.00
C ASP D 128 25.91 -9.00 -14.17
N GLY D 129 25.90 -7.69 -13.98
CA GLY D 129 26.43 -6.77 -14.96
C GLY D 129 25.60 -6.56 -16.21
N LYS D 130 24.44 -7.23 -16.27
CA LYS D 130 23.53 -7.11 -17.40
C LYS D 130 22.20 -6.50 -16.97
N PHE D 131 21.64 -5.66 -17.84
CA PHE D 131 20.38 -4.99 -17.58
C PHE D 131 19.22 -5.98 -17.56
N GLN D 132 18.45 -5.98 -16.47
CA GLN D 132 17.37 -6.93 -16.36
C GLN D 132 15.98 -6.30 -16.50
N GLY D 133 15.79 -5.13 -15.90
CA GLY D 133 14.51 -4.47 -15.96
C GLY D 133 14.49 -3.10 -15.31
N ILE D 134 13.30 -2.59 -15.08
CA ILE D 134 13.15 -1.22 -14.59
C ILE D 134 12.42 -1.15 -13.26
N ARG D 135 12.95 -0.31 -12.36
CA ARG D 135 12.24 0.01 -11.14
C ARG D 135 11.40 1.25 -11.40
N LEU D 136 10.08 1.04 -11.46
CA LEU D 136 9.13 2.12 -11.62
C LEU D 136 8.88 2.76 -10.27
N ARG D 137 9.48 3.93 -10.09
CA ARG D 137 9.48 4.62 -8.81
C ARG D 137 8.22 5.48 -8.63
N PHE D 138 7.58 5.81 -9.75
CA PHE D 138 6.27 6.47 -9.71
C PHE D 138 5.33 5.92 -10.80
N ARG D 139 4.03 6.03 -10.56
CA ARG D 139 3.04 5.53 -11.50
C ARG D 139 3.04 6.37 -12.77
N ASP D 140 2.97 7.68 -12.58
CA ASP D 140 3.13 8.65 -13.66
C ASP D 140 3.44 10.01 -13.04
N LYS D 141 3.65 11.02 -13.87
CA LYS D 141 4.12 12.31 -13.37
C LYS D 141 3.00 13.08 -12.65
N GLY D 142 1.78 12.95 -13.17
CA GLY D 142 0.61 13.50 -12.52
C GLY D 142 0.44 12.93 -11.13
N GLU D 143 0.46 11.60 -11.03
CA GLU D 143 0.36 10.93 -9.74
C GLU D 143 1.50 11.32 -8.80
N PHE D 144 2.71 11.38 -9.34
CA PHE D 144 3.86 11.82 -8.57
C PHE D 144 3.66 13.19 -7.95
N LEU D 145 3.05 14.11 -8.71
CA LEU D 145 2.83 15.47 -8.24
C LEU D 145 1.94 15.57 -6.99
N LYS D 146 1.28 14.46 -6.62
CA LYS D 146 0.46 14.44 -5.42
C LYS D 146 1.28 14.61 -4.14
N ARG D 147 2.60 14.50 -4.25
CA ARG D 147 3.49 14.65 -3.11
C ARG D 147 3.47 16.10 -2.66
N PHE D 148 2.94 16.95 -3.53
CA PHE D 148 2.87 18.37 -3.26
C PHE D 148 1.41 18.81 -3.38
N ARG D 149 0.49 17.93 -3.00
CA ARG D 149 -0.94 18.22 -3.09
C ARG D 149 -1.31 19.33 -2.09
N ASP D 150 -0.41 19.60 -1.15
CA ASP D 150 -0.69 20.56 -0.08
C ASP D 150 -0.25 21.98 -0.42
N GLY D 151 0.30 22.19 -1.61
CA GLY D 151 0.75 23.51 -2.01
C GLY D 151 0.49 23.84 -3.47
N PHE D 152 1.19 24.86 -3.97
CA PHE D 152 1.00 25.29 -5.36
C PHE D 152 2.10 24.77 -6.26
N ILE D 153 1.82 24.69 -7.55
CA ILE D 153 2.75 24.09 -8.49
C ILE D 153 2.76 24.82 -9.83
N LEU D 154 3.94 25.27 -10.23
CA LEU D 154 4.18 25.71 -11.60
C LEU D 154 4.90 24.57 -12.30
N ALA D 155 4.28 24.01 -13.33
CA ALA D 155 4.85 22.85 -14.01
C ALA D 155 5.28 23.17 -15.43
N MET D 156 6.51 22.81 -15.75
CA MET D 156 7.07 23.00 -17.08
C MET D 156 7.43 21.64 -17.70
N GLY D 157 6.99 21.38 -18.93
CA GLY D 157 7.26 20.09 -19.57
C GLY D 157 7.31 20.11 -21.09
N ASP D 158 7.72 18.98 -21.69
CA ASP D 158 7.89 18.92 -23.14
C ASP D 158 7.15 17.62 -23.54
N GLY D 159 7.49 17.10 -24.71
CA GLY D 159 6.81 15.96 -25.30
C GLY D 159 6.84 14.64 -24.58
N TYR D 160 7.53 14.61 -23.45
CA TYR D 160 7.53 13.42 -22.59
C TYR D 160 6.56 13.63 -21.42
N ALA D 161 6.03 14.85 -21.33
CA ALA D 161 4.99 15.14 -20.37
C ALA D 161 3.62 15.00 -21.05
N ASP D 162 2.56 15.08 -20.26
CA ASP D 162 1.21 14.96 -20.80
C ASP D 162 0.19 15.69 -19.94
N ALA D 163 -1.07 15.58 -20.32
CA ALA D 163 -2.15 16.32 -19.67
C ALA D 163 -2.27 16.05 -18.17
N LYS D 164 -2.16 14.78 -17.77
CA LYS D 164 -2.34 14.41 -16.36
C LYS D 164 -1.37 15.14 -15.44
N MET D 165 -0.15 15.36 -15.92
CA MET D 165 0.86 16.10 -15.17
C MET D 165 0.43 17.55 -14.96
N PHE D 166 -0.27 18.10 -15.94
CA PHE D 166 -0.62 19.51 -15.92
C PHE D 166 -1.93 19.84 -15.23
N GLU D 167 -2.83 18.85 -15.15
CA GLU D 167 -4.11 19.02 -14.47
C GLU D 167 -3.90 19.13 -12.96
N ARG D 168 -2.66 18.88 -12.54
CA ARG D 168 -2.24 18.99 -11.15
C ARG D 168 -1.62 20.35 -10.90
N ALA D 169 -1.04 20.94 -11.93
CA ALA D 169 -0.37 22.23 -11.78
C ALA D 169 -1.37 23.37 -11.71
N ASP D 170 -1.03 24.40 -10.96
CA ASP D 170 -1.85 25.59 -10.88
C ASP D 170 -1.57 26.47 -12.10
N MET D 171 -0.30 26.51 -12.49
CA MET D 171 0.10 27.16 -13.73
C MET D 171 0.95 26.16 -14.51
N GLY D 172 0.57 25.89 -15.75
CA GLY D 172 1.30 24.96 -16.59
C GLY D 172 1.92 25.64 -17.79
N ILE D 173 3.16 25.28 -18.10
CA ILE D 173 3.86 25.84 -19.25
C ILE D 173 4.39 24.74 -20.15
N ALA D 174 4.02 24.80 -21.43
CA ALA D 174 4.50 23.84 -22.41
C ALA D 174 5.74 24.40 -23.09
N VAL D 175 6.65 23.52 -23.49
CA VAL D 175 7.86 23.94 -24.18
C VAL D 175 7.96 23.32 -25.57
N GLY D 176 8.27 24.16 -26.56
CA GLY D 176 8.41 23.70 -27.92
C GLY D 176 7.15 23.34 -28.69
N ARG D 177 6.35 22.45 -28.12
CA ARG D 177 5.15 21.95 -28.77
C ARG D 177 4.03 21.90 -27.74
N GLU D 178 2.83 22.22 -28.20
CA GLU D 178 1.65 22.36 -27.34
C GLU D 178 1.18 21.02 -26.76
N ILE D 179 0.75 21.05 -25.50
CA ILE D 179 0.21 19.87 -24.82
C ILE D 179 -1.10 20.22 -24.11
N PRO D 180 -2.13 19.36 -24.28
CA PRO D 180 -3.43 19.57 -23.63
C PRO D 180 -3.27 19.74 -22.12
N GLY D 181 -3.78 20.84 -21.58
CA GLY D 181 -3.68 21.08 -20.15
C GLY D 181 -2.80 22.27 -19.82
N ALA D 182 -1.75 22.47 -20.62
CA ALA D 182 -0.84 23.58 -20.43
C ALA D 182 -1.53 24.92 -20.65
N ASP D 183 -1.11 25.94 -19.89
CA ASP D 183 -1.67 27.27 -20.02
C ASP D 183 -0.93 28.08 -21.08
N LEU D 184 0.38 27.88 -21.15
CA LEU D 184 1.21 28.68 -22.04
C LEU D 184 2.03 27.80 -22.98
N LEU D 185 2.58 28.43 -24.01
CA LEU D 185 3.49 27.77 -24.94
C LEU D 185 4.72 28.64 -25.13
N VAL D 186 5.89 28.10 -24.80
CA VAL D 186 7.14 28.75 -25.15
C VAL D 186 7.79 27.94 -26.26
N LYS D 187 8.79 28.50 -26.93
CA LYS D 187 9.36 27.87 -28.12
C LYS D 187 10.63 27.09 -27.78
N ASP D 188 11.29 27.47 -26.69
CA ASP D 188 12.57 26.87 -26.32
C ASP D 188 12.97 27.26 -24.90
N LEU D 189 14.04 26.64 -24.40
CA LEU D 189 14.52 26.89 -23.05
C LEU D 189 14.83 28.36 -22.80
N LYS D 190 15.39 29.02 -23.82
CA LYS D 190 15.70 30.44 -23.74
C LYS D 190 14.45 31.26 -23.39
N GLU D 191 13.42 31.10 -24.22
CA GLU D 191 12.15 31.80 -24.04
C GLU D 191 11.58 31.56 -22.64
N LEU D 192 11.71 30.32 -22.16
CA LEU D 192 11.25 29.96 -20.82
C LEU D 192 12.02 30.70 -19.73
N VAL D 193 13.34 30.74 -19.86
CA VAL D 193 14.18 31.46 -18.90
C VAL D 193 13.84 32.94 -18.90
N ASP D 194 13.61 33.49 -20.09
CA ASP D 194 13.18 34.88 -20.22
C ASP D 194 11.86 35.11 -19.49
N PHE D 195 10.94 34.15 -19.62
CA PHE D 195 9.65 34.21 -18.93
C PHE D 195 9.82 34.22 -17.42
N ILE D 196 10.60 33.27 -16.90
CA ILE D 196 10.83 33.13 -15.46
C ILE D 196 11.52 34.35 -14.87
N LYS D 197 12.42 34.95 -15.64
CA LYS D 197 13.17 36.11 -15.18
C LYS D 197 12.28 37.35 -15.17
N ASN D 198 11.05 37.18 -15.65
CA ASN D 198 10.06 38.24 -15.69
C ASN D 198 9.04 38.06 -14.57
N LEU D 199 9.47 37.57 -13.42
CA LEU D 199 8.53 37.22 -12.36
C LEU D 199 8.74 38.01 -11.08
N LYS D 200 7.64 38.23 -10.36
CA LYS D 200 7.62 38.95 -9.07
C LYS D 200 7.91 40.44 -9.22
#